data_9J8I
#
_entry.id   9J8I
#
_cell.length_a   187.940
_cell.length_b   187.940
_cell.length_c   132.020
_cell.angle_alpha   90.00
_cell.angle_beta   90.00
_cell.angle_gamma   90.00
#
_symmetry.space_group_name_H-M   'P 42 21 2'
#
loop_
_entity.id
_entity.type
_entity.pdbx_description
1 polymer 'Engineered PET hydrolase MtCutM9'
2 water water
#
_entity_poly.entity_id   1
_entity_poly.type   'polypeptide(L)'
_entity_poly.pdbx_seq_one_letter_code
;SNPYERGPDPTESSVTASRGPFATTTDSVSSLVSGFGGGTIYYPTDTSEGTFGGVVIAPGYTATQSSIAWMGHRIASQGF
VVFTIDTNTRYDQPDSRGRQILAALDYLTQQSPVRDRVDPNRLAVMGHCMGGGGTLRAAENRPSLKAAIPLAPWHLQKDW
SNVRVPTMIIGCENDTVASVSTHAIRFYESLPSSLPKAYLELRGADHFAPNRPNTTIAKYVIAWLKRFVDEDERYEQFLC
PPPDTGLFSDFSDYRDSCPHTTLEHHHHHH
;
_entity_poly.pdbx_strand_id   A,B,C,D
#
# COMPACT_ATOMS: atom_id res chain seq x y z
N SER A 1 3.85 6.99 -28.25
CA SER A 1 4.94 7.90 -27.81
C SER A 1 5.36 7.57 -26.38
N ASN A 2 6.63 7.83 -26.04
CA ASN A 2 7.14 7.58 -24.71
C ASN A 2 7.87 8.83 -24.24
N PRO A 3 7.27 9.59 -23.30
CA PRO A 3 7.87 10.84 -22.83
C PRO A 3 9.08 10.67 -21.92
N TYR A 4 9.46 9.44 -21.56
CA TYR A 4 10.50 9.28 -20.56
C TYR A 4 11.84 8.99 -21.24
N GLU A 5 11.83 8.89 -22.58
CA GLU A 5 13.03 8.60 -23.37
C GLU A 5 13.97 9.79 -23.32
N ARG A 6 15.25 9.54 -23.04
CA ARG A 6 16.23 10.60 -23.01
C ARG A 6 17.40 10.19 -23.89
N GLY A 7 18.04 11.18 -24.51
CA GLY A 7 19.29 10.96 -25.22
C GLY A 7 19.09 10.27 -26.57
N PRO A 8 20.16 10.16 -27.39
CA PRO A 8 20.06 9.56 -28.72
C PRO A 8 19.88 8.05 -28.68
N ASP A 9 19.52 7.52 -29.85
CA ASP A 9 19.36 6.08 -30.00
C ASP A 9 20.69 5.40 -29.66
N PRO A 10 20.69 4.34 -28.83
CA PRO A 10 21.94 3.78 -28.33
C PRO A 10 22.62 2.84 -29.31
N THR A 11 23.96 2.81 -29.25
CA THR A 11 24.79 1.88 -30.02
C THR A 11 25.63 1.11 -29.02
N GLU A 12 26.25 0.01 -29.47
CA GLU A 12 27.23 -0.68 -28.64
C GLU A 12 28.21 0.34 -28.06
N SER A 13 28.57 1.35 -28.85
CA SER A 13 29.52 2.35 -28.45
C SER A 13 29.02 3.18 -27.26
N SER A 14 27.73 3.54 -27.23
CA SER A 14 27.18 4.43 -26.22
C SER A 14 26.97 3.71 -24.88
N VAL A 15 26.50 2.45 -24.89
CA VAL A 15 26.26 1.73 -23.65
C VAL A 15 27.57 1.38 -22.93
N THR A 16 28.69 1.30 -23.69
CA THR A 16 29.99 0.91 -23.13
C THR A 16 30.85 2.14 -22.82
N ALA A 17 30.34 3.34 -23.08
CA ALA A 17 31.12 4.54 -22.84
C ALA A 17 31.20 4.80 -21.35
N SER A 18 32.33 5.40 -20.98
CA SER A 18 32.59 5.77 -19.60
C SER A 18 31.83 7.05 -19.25
N ARG A 19 31.38 7.80 -20.27
CA ARG A 19 30.59 9.00 -20.04
C ARG A 19 29.60 9.15 -21.18
N GLY A 20 28.30 9.06 -20.84
CA GLY A 20 27.22 9.17 -21.80
C GLY A 20 27.03 10.61 -22.28
N PRO A 21 25.91 10.92 -22.99
CA PRO A 21 25.74 12.23 -23.62
C PRO A 21 25.54 13.44 -22.71
N PHE A 22 25.27 13.22 -21.42
CA PHE A 22 24.83 14.29 -20.54
C PHE A 22 25.94 14.71 -19.59
N ALA A 23 26.16 16.02 -19.50
CA ALA A 23 27.06 16.58 -18.50
C ALA A 23 26.41 16.43 -17.13
N THR A 24 27.27 16.25 -16.10
CA THR A 24 26.83 15.95 -14.75
C THR A 24 27.61 16.80 -13.76
N THR A 25 27.02 17.02 -12.58
CA THR A 25 27.71 17.57 -11.43
C THR A 25 27.26 16.80 -10.17
N THR A 26 27.65 17.27 -8.97
CA THR A 26 27.35 16.53 -7.75
C THR A 26 26.94 17.47 -6.62
N ASP A 27 26.04 16.99 -5.74
CA ASP A 27 25.76 17.60 -4.44
C ASP A 27 26.13 16.58 -3.38
N SER A 28 26.67 17.08 -2.26
CA SER A 28 26.94 16.30 -1.06
C SER A 28 25.74 16.34 -0.12
N VAL A 29 25.58 15.25 0.64
CA VAL A 29 24.55 15.16 1.66
C VAL A 29 25.22 14.67 2.93
N SER A 30 25.01 15.40 4.04
CA SER A 30 25.82 15.16 5.24
C SER A 30 25.26 13.95 5.97
N SER A 31 26.06 13.34 6.86
CA SER A 31 25.61 12.16 7.58
C SER A 31 24.53 12.48 8.62
N LEU A 32 24.43 13.77 8.97
CA LEU A 32 23.46 14.26 9.94
C LEU A 32 22.04 14.18 9.37
N VAL A 33 21.93 13.91 8.06
CA VAL A 33 20.62 13.61 7.49
C VAL A 33 20.10 12.36 8.20
N SER A 34 18.78 12.30 8.33
CA SER A 34 18.23 11.22 9.12
C SER A 34 17.81 10.09 8.18
N GLY A 35 17.98 8.85 8.70
CA GLY A 35 17.53 7.61 8.07
C GLY A 35 18.67 6.83 7.42
N PHE A 36 19.82 7.49 7.28
CA PHE A 36 21.02 6.95 6.65
C PHE A 36 22.22 7.87 6.95
N GLY A 37 23.33 7.58 6.28
CA GLY A 37 24.63 8.12 6.65
C GLY A 37 25.19 9.07 5.59
N GLY A 38 24.30 9.66 4.79
CA GLY A 38 24.70 10.67 3.82
C GLY A 38 25.04 10.04 2.48
N GLY A 39 25.68 10.83 1.61
CA GLY A 39 26.11 10.37 0.29
C GLY A 39 26.23 11.51 -0.73
N THR A 40 26.55 11.11 -1.95
CA THR A 40 26.75 12.04 -3.06
C THR A 40 25.63 11.83 -4.08
N ILE A 41 25.05 12.92 -4.57
CA ILE A 41 24.10 12.86 -5.67
C ILE A 41 24.78 13.29 -6.97
N TYR A 42 24.77 12.41 -7.98
CA TYR A 42 25.22 12.72 -9.32
C TYR A 42 23.99 12.99 -10.20
N TYR A 43 23.98 14.08 -10.98
CA TYR A 43 22.81 14.39 -11.78
C TYR A 43 23.19 15.20 -13.03
N PRO A 44 22.42 15.07 -14.13
CA PRO A 44 22.58 15.91 -15.32
C PRO A 44 22.27 17.40 -15.12
N THR A 45 23.07 18.26 -15.77
CA THR A 45 22.88 19.70 -15.70
C THR A 45 21.82 20.16 -16.71
N ASP A 46 21.55 19.38 -17.76
CA ASP A 46 20.57 19.78 -18.77
C ASP A 46 19.14 19.45 -18.30
N THR A 47 18.31 20.50 -18.17
CA THR A 47 16.93 20.31 -17.75
C THR A 47 15.99 20.24 -18.96
N SER A 48 16.49 20.59 -20.16
CA SER A 48 15.68 20.83 -21.34
C SER A 48 14.96 19.57 -21.86
N GLU A 49 15.33 18.35 -21.43
CA GLU A 49 14.68 17.15 -21.96
C GLU A 49 13.60 16.66 -21.00
N GLY A 50 13.61 17.16 -19.75
CA GLY A 50 12.64 16.79 -18.74
C GLY A 50 13.34 16.37 -17.44
N THR A 51 12.56 15.82 -16.51
CA THR A 51 13.09 15.20 -15.30
C THR A 51 13.61 13.80 -15.65
N PHE A 52 14.43 13.24 -14.75
CA PHE A 52 15.02 11.92 -14.92
C PHE A 52 14.60 10.95 -13.81
N GLY A 53 14.76 9.65 -14.12
CA GLY A 53 14.62 8.61 -13.11
C GLY A 53 15.67 8.72 -12.01
N GLY A 54 15.30 8.25 -10.81
CA GLY A 54 16.18 8.28 -9.65
C GLY A 54 16.66 6.87 -9.30
N VAL A 55 17.91 6.82 -8.85
CA VAL A 55 18.53 5.55 -8.51
C VAL A 55 19.32 5.72 -7.22
N VAL A 56 19.09 4.85 -6.24
CA VAL A 56 19.93 4.81 -5.05
C VAL A 56 20.83 3.59 -5.13
N ILE A 57 22.14 3.78 -4.88
CA ILE A 57 23.10 2.68 -4.80
C ILE A 57 23.75 2.66 -3.42
N ALA A 58 23.81 1.45 -2.83
CA ALA A 58 24.27 1.26 -1.46
C ALA A 58 25.47 0.33 -1.42
N PRO A 59 26.48 0.58 -0.56
CA PRO A 59 27.65 -0.28 -0.46
C PRO A 59 27.45 -1.55 0.36
N GLY A 60 28.55 -2.32 0.47
CA GLY A 60 28.57 -3.59 1.18
C GLY A 60 29.16 -3.47 2.59
N TYR A 61 29.31 -4.62 3.24
CA TYR A 61 29.77 -4.71 4.63
C TYR A 61 31.22 -4.23 4.71
N THR A 62 31.46 -3.33 5.67
CA THR A 62 32.77 -2.74 5.99
C THR A 62 33.14 -1.65 4.99
N ALA A 63 32.29 -1.34 4.01
CA ALA A 63 32.67 -0.43 2.94
C ALA A 63 31.89 0.87 2.99
N THR A 64 32.36 1.85 2.24
CA THR A 64 31.72 3.16 2.16
C THR A 64 31.39 3.44 0.70
N GLN A 65 30.97 4.67 0.43
CA GLN A 65 30.51 5.05 -0.89
C GLN A 65 31.67 5.09 -1.88
N SER A 66 32.90 5.25 -1.38
CA SER A 66 34.06 5.17 -2.26
C SER A 66 34.01 3.87 -3.09
N SER A 67 33.44 2.78 -2.55
CA SER A 67 33.51 1.48 -3.19
C SER A 67 32.51 1.35 -4.33
N ILE A 68 31.64 2.37 -4.54
CA ILE A 68 30.62 2.31 -5.58
C ILE A 68 30.61 3.59 -6.40
N ALA A 69 31.41 4.60 -6.04
CA ALA A 69 31.34 5.91 -6.68
C ALA A 69 31.59 5.87 -8.19
N TRP A 70 32.30 4.88 -8.71
CA TRP A 70 32.56 4.87 -10.14
C TRP A 70 31.25 4.82 -10.93
N MET A 71 30.17 4.38 -10.28
CA MET A 71 28.92 4.15 -10.97
C MET A 71 28.15 5.47 -11.10
N GLY A 72 28.58 6.45 -10.32
CA GLY A 72 27.92 7.74 -10.21
C GLY A 72 27.87 8.47 -11.55
N HIS A 73 29.03 8.92 -12.03
CA HIS A 73 29.03 9.73 -13.24
C HIS A 73 28.67 8.83 -14.42
N ARG A 74 29.18 7.60 -14.36
CA ARG A 74 29.01 6.63 -15.44
C ARG A 74 27.53 6.49 -15.83
N ILE A 75 26.65 6.36 -14.81
CA ILE A 75 25.24 6.08 -14.99
C ILE A 75 24.46 7.40 -15.09
N ALA A 76 24.81 8.39 -14.26
CA ALA A 76 24.13 9.68 -14.32
C ALA A 76 24.21 10.29 -15.72
N SER A 77 25.36 10.14 -16.39
CA SER A 77 25.60 10.75 -17.69
C SER A 77 24.77 10.11 -18.80
N GLN A 78 24.27 8.88 -18.58
CA GLN A 78 23.34 8.30 -19.55
C GLN A 78 21.92 8.87 -19.36
N GLY A 79 21.70 9.73 -18.35
CA GLY A 79 20.41 10.37 -18.11
C GLY A 79 19.63 9.78 -16.93
N PHE A 80 20.24 9.90 -15.72
CA PHE A 80 19.64 9.52 -14.44
C PHE A 80 20.14 10.38 -13.27
N VAL A 81 19.33 10.50 -12.22
CA VAL A 81 19.81 11.05 -10.96
C VAL A 81 20.21 9.91 -10.03
N VAL A 82 21.50 9.85 -9.66
CA VAL A 82 22.09 8.68 -9.03
C VAL A 82 22.62 9.08 -7.66
N PHE A 83 22.19 8.35 -6.62
CA PHE A 83 22.52 8.68 -5.25
C PHE A 83 23.31 7.52 -4.63
N THR A 84 24.58 7.76 -4.36
CA THR A 84 25.47 6.78 -3.75
C THR A 84 25.57 7.06 -2.27
N ILE A 85 24.93 6.22 -1.44
CA ILE A 85 24.84 6.49 0.00
C ILE A 85 25.99 5.83 0.78
N ASP A 86 26.21 6.32 2.00
CA ASP A 86 26.85 5.59 3.10
C ASP A 86 25.76 5.16 4.08
N THR A 87 25.94 3.99 4.69
CA THR A 87 25.04 3.52 5.73
C THR A 87 25.47 4.07 7.10
N ASN A 88 24.56 4.01 8.10
CA ASN A 88 24.78 4.61 9.41
C ASN A 88 26.12 4.18 9.99
N THR A 89 26.36 2.86 10.03
CA THR A 89 27.68 2.33 10.31
C THR A 89 28.07 1.44 9.14
N ARG A 90 29.34 1.00 9.15
CA ARG A 90 29.87 0.09 8.15
C ARG A 90 29.43 -1.36 8.42
N TYR A 91 28.78 -1.65 9.56
CA TYR A 91 28.52 -3.04 9.92
C TYR A 91 27.02 -3.33 9.90
N ASP A 92 26.18 -2.42 9.38
CA ASP A 92 24.75 -2.66 9.26
C ASP A 92 24.52 -3.88 8.36
N GLN A 93 23.53 -4.71 8.73
CA GLN A 93 23.24 -5.94 8.01
C GLN A 93 22.31 -5.62 6.84
N PRO A 94 21.92 -6.61 5.99
CA PRO A 94 21.17 -6.33 4.76
C PRO A 94 19.87 -5.56 5.00
N ASP A 95 18.96 -6.11 5.81
CA ASP A 95 17.64 -5.54 5.96
C ASP A 95 17.68 -4.09 6.46
N SER A 96 18.70 -3.75 7.26
CA SER A 96 18.95 -2.38 7.70
C SER A 96 19.34 -1.46 6.53
N ARG A 97 20.28 -1.94 5.70
CA ARG A 97 20.59 -1.28 4.44
C ARG A 97 19.28 -1.04 3.67
N GLY A 98 18.36 -2.03 3.70
CA GLY A 98 17.09 -1.94 3.00
C GLY A 98 16.24 -0.76 3.47
N ARG A 99 16.15 -0.58 4.80
CA ARG A 99 15.46 0.54 5.40
C ARG A 99 16.07 1.85 4.90
N GLN A 100 17.42 1.86 4.85
CA GLN A 100 18.19 3.08 4.61
C GLN A 100 18.10 3.47 3.14
N ILE A 101 18.13 2.48 2.25
CA ILE A 101 17.92 2.72 0.83
C ILE A 101 16.58 3.43 0.65
N LEU A 102 15.53 2.88 1.29
CA LEU A 102 14.19 3.44 1.23
C LEU A 102 14.19 4.86 1.78
N ALA A 103 15.01 5.15 2.78
CA ALA A 103 15.05 6.48 3.36
C ALA A 103 15.74 7.46 2.42
N ALA A 104 16.80 7.04 1.72
CA ALA A 104 17.53 7.93 0.83
C ALA A 104 16.72 8.26 -0.42
N LEU A 105 15.88 7.32 -0.84
CA LEU A 105 14.91 7.54 -1.91
C LEU A 105 13.97 8.67 -1.51
N ASP A 106 13.37 8.55 -0.32
CA ASP A 106 12.43 9.55 0.15
C ASP A 106 13.15 10.89 0.28
N TYR A 107 14.37 10.90 0.81
CA TYR A 107 15.09 12.16 0.91
C TYR A 107 15.31 12.74 -0.48
N LEU A 108 15.68 11.91 -1.48
CA LEU A 108 16.00 12.38 -2.83
C LEU A 108 14.79 13.07 -3.46
N THR A 109 13.60 12.48 -3.31
CA THR A 109 12.40 12.99 -3.99
C THR A 109 11.71 14.08 -3.18
N GLN A 110 11.85 14.09 -1.84
CA GLN A 110 11.09 14.99 -0.96
C GLN A 110 11.92 16.20 -0.50
N GLN A 111 13.23 16.08 -0.29
CA GLN A 111 13.95 17.15 0.39
C GLN A 111 15.23 17.60 -0.32
N SER A 112 15.89 16.75 -1.11
CA SER A 112 17.21 17.09 -1.64
C SER A 112 17.17 18.40 -2.44
N PRO A 113 18.34 19.05 -2.61
CA PRO A 113 18.44 20.16 -3.57
C PRO A 113 17.96 19.87 -4.99
N VAL A 114 18.00 18.60 -5.42
CA VAL A 114 17.72 18.30 -6.82
C VAL A 114 16.39 17.56 -6.98
N ARG A 115 15.52 17.62 -5.97
CA ARG A 115 14.24 16.92 -6.04
C ARG A 115 13.44 17.31 -7.30
N ASP A 116 13.50 18.60 -7.69
CA ASP A 116 12.74 19.15 -8.81
C ASP A 116 13.21 18.58 -10.16
N ARG A 117 14.36 17.86 -10.16
CA ARG A 117 14.92 17.21 -11.34
C ARG A 117 14.66 15.71 -11.42
N VAL A 118 13.97 15.14 -10.42
CA VAL A 118 13.73 13.71 -10.32
C VAL A 118 12.25 13.42 -10.48
N ASP A 119 11.91 12.43 -11.31
CA ASP A 119 10.54 11.94 -11.38
C ASP A 119 10.27 11.01 -10.20
N PRO A 120 9.49 11.42 -9.19
CA PRO A 120 9.21 10.54 -8.05
C PRO A 120 8.44 9.25 -8.38
N ASN A 121 7.94 9.11 -9.62
CA ASN A 121 7.27 7.88 -10.01
C ASN A 121 8.18 6.87 -10.71
N ARG A 122 9.48 7.20 -10.84
CA ARG A 122 10.38 6.39 -11.64
C ARG A 122 11.70 6.22 -10.90
N LEU A 123 11.76 5.19 -10.05
CA LEU A 123 12.88 5.02 -9.12
C LEU A 123 13.50 3.62 -9.23
N ALA A 124 14.77 3.50 -8.87
CA ALA A 124 15.39 2.18 -8.80
C ALA A 124 16.39 2.09 -7.66
N VAL A 125 16.72 0.83 -7.34
CA VAL A 125 17.61 0.50 -6.25
C VAL A 125 18.67 -0.48 -6.76
N MET A 126 19.92 -0.23 -6.35
CA MET A 126 21.04 -1.09 -6.64
C MET A 126 21.89 -1.18 -5.37
N GLY A 127 22.70 -2.24 -5.25
CA GLY A 127 23.69 -2.29 -4.19
C GLY A 127 24.62 -3.48 -4.36
N HIS A 128 25.69 -3.49 -3.55
CA HIS A 128 26.77 -4.46 -3.59
C HIS A 128 26.81 -5.22 -2.26
N CYS A 129 27.03 -6.55 -2.28
CA CYS A 129 27.29 -7.32 -1.06
C CYS A 129 26.01 -7.26 -0.23
N MET A 130 26.10 -6.88 1.05
CA MET A 130 24.90 -6.74 1.87
C MET A 130 24.00 -5.61 1.34
N GLY A 131 24.60 -4.64 0.64
CA GLY A 131 23.82 -3.57 0.02
C GLY A 131 22.91 -4.11 -1.08
N GLY A 132 23.31 -5.25 -1.67
CA GLY A 132 22.52 -5.88 -2.70
C GLY A 132 21.41 -6.74 -2.08
N GLY A 133 21.69 -7.29 -0.90
CA GLY A 133 20.66 -7.97 -0.12
C GLY A 133 19.60 -6.97 0.29
N GLY A 134 20.09 -5.80 0.74
CA GLY A 134 19.24 -4.66 1.02
C GLY A 134 18.43 -4.21 -0.19
N THR A 135 19.08 -4.19 -1.36
CA THR A 135 18.41 -3.89 -2.62
C THR A 135 17.24 -4.86 -2.80
N LEU A 136 17.44 -6.16 -2.57
CA LEU A 136 16.36 -7.13 -2.73
C LEU A 136 15.19 -6.78 -1.80
N ARG A 137 15.52 -6.39 -0.57
CA ARG A 137 14.51 -6.15 0.45
C ARG A 137 13.70 -4.90 0.09
N ALA A 138 14.41 -3.82 -0.22
CA ALA A 138 13.78 -2.58 -0.63
C ALA A 138 12.75 -2.84 -1.73
N ALA A 139 13.13 -3.61 -2.74
CA ALA A 139 12.21 -3.90 -3.83
C ALA A 139 11.05 -4.77 -3.36
N GLU A 140 11.31 -5.72 -2.45
CA GLU A 140 10.25 -6.53 -1.88
C GLU A 140 9.24 -5.62 -1.20
N ASN A 141 9.73 -4.59 -0.48
CA ASN A 141 8.89 -3.78 0.39
C ASN A 141 8.19 -2.63 -0.35
N ARG A 142 8.84 -2.04 -1.37
CA ARG A 142 8.26 -0.93 -2.12
C ARG A 142 8.03 -1.35 -3.57
N PRO A 143 6.97 -2.12 -3.89
CA PRO A 143 6.78 -2.62 -5.25
C PRO A 143 6.50 -1.56 -6.31
N SER A 144 6.33 -0.30 -5.92
CA SER A 144 6.25 0.80 -6.89
C SER A 144 7.58 1.05 -7.63
N LEU A 145 8.68 0.43 -7.18
CA LEU A 145 9.98 0.65 -7.82
C LEU A 145 10.01 0.02 -9.21
N LYS A 146 10.77 0.67 -10.10
CA LYS A 146 10.85 0.30 -11.50
C LYS A 146 11.87 -0.81 -11.73
N ALA A 147 13.01 -0.76 -11.01
CA ALA A 147 14.06 -1.76 -11.19
C ALA A 147 14.85 -2.00 -9.90
N ALA A 148 15.43 -3.19 -9.83
CA ALA A 148 16.30 -3.56 -8.72
C ALA A 148 17.50 -4.30 -9.32
N ILE A 149 18.71 -3.89 -8.92
CA ILE A 149 19.93 -4.46 -9.50
C ILE A 149 20.89 -4.84 -8.39
N PRO A 150 20.78 -6.04 -7.78
CA PRO A 150 21.74 -6.49 -6.79
C PRO A 150 23.06 -6.93 -7.41
N LEU A 151 24.18 -6.31 -7.00
CA LEU A 151 25.51 -6.68 -7.46
C LEU A 151 26.20 -7.57 -6.41
N ALA A 152 26.57 -8.82 -6.79
CA ALA A 152 27.25 -9.75 -5.92
C ALA A 152 26.57 -9.77 -4.55
N PRO A 153 25.25 -10.01 -4.50
CA PRO A 153 24.52 -9.85 -3.26
C PRO A 153 24.80 -10.94 -2.23
N TRP A 154 24.63 -10.55 -0.96
CA TRP A 154 24.66 -11.42 0.21
C TRP A 154 23.38 -11.22 0.99
N HIS A 155 22.67 -12.31 1.30
CA HIS A 155 21.54 -12.23 2.22
C HIS A 155 21.21 -13.62 2.76
N LEU A 156 20.77 -13.72 4.03
CA LEU A 156 20.49 -14.99 4.68
C LEU A 156 19.16 -15.57 4.20
N GLN A 157 18.20 -14.69 3.85
CA GLN A 157 16.96 -15.13 3.21
C GLN A 157 17.28 -15.51 1.77
N LYS A 158 16.82 -16.70 1.36
CA LYS A 158 17.12 -17.21 0.04
C LYS A 158 15.89 -17.08 -0.87
N ASP A 159 14.68 -17.06 -0.27
CA ASP A 159 13.41 -17.05 -0.99
C ASP A 159 12.94 -15.62 -1.23
N TRP A 160 13.01 -15.16 -2.48
CA TRP A 160 12.54 -13.83 -2.87
C TRP A 160 11.38 -13.93 -3.84
N SER A 161 10.51 -14.94 -3.65
CA SER A 161 9.35 -15.15 -4.50
C SER A 161 8.27 -14.07 -4.34
N ASN A 162 8.43 -13.17 -3.36
CA ASN A 162 7.46 -12.10 -3.16
C ASN A 162 7.90 -10.80 -3.84
N VAL A 163 9.07 -10.75 -4.49
CA VAL A 163 9.51 -9.60 -5.27
C VAL A 163 8.72 -9.45 -6.58
N ARG A 164 8.31 -8.22 -6.92
CA ARG A 164 7.53 -7.92 -8.12
C ARG A 164 8.11 -6.73 -8.90
N VAL A 165 9.39 -6.44 -8.69
CA VAL A 165 10.06 -5.37 -9.41
C VAL A 165 11.09 -6.03 -10.33
N PRO A 166 11.13 -5.69 -11.64
CA PRO A 166 12.15 -6.20 -12.55
C PRO A 166 13.57 -6.23 -11.95
N THR A 167 14.20 -7.40 -11.93
CA THR A 167 15.40 -7.61 -11.13
C THR A 167 16.50 -8.20 -12.01
N MET A 168 17.65 -7.52 -12.06
CA MET A 168 18.85 -8.01 -12.71
C MET A 168 19.88 -8.25 -11.62
N ILE A 169 20.19 -9.51 -11.32
CA ILE A 169 21.19 -9.90 -10.34
C ILE A 169 22.51 -10.14 -11.05
N ILE A 170 23.59 -9.51 -10.56
CA ILE A 170 24.90 -9.70 -11.16
C ILE A 170 25.83 -10.43 -10.21
N GLY A 171 26.12 -11.69 -10.52
CA GLY A 171 26.99 -12.54 -9.71
C GLY A 171 28.44 -12.47 -10.17
N CYS A 172 29.35 -12.91 -9.30
CA CYS A 172 30.75 -13.02 -9.67
C CYS A 172 31.22 -14.46 -9.53
N GLU A 173 31.74 -15.05 -10.61
CA GLU A 173 31.84 -16.49 -10.71
C GLU A 173 32.65 -17.09 -9.55
N ASN A 174 33.74 -16.43 -9.15
CA ASN A 174 34.65 -16.98 -8.15
C ASN A 174 34.51 -16.27 -6.80
N ASP A 175 33.28 -15.84 -6.50
CA ASP A 175 33.02 -15.13 -5.26
C ASP A 175 33.10 -16.14 -4.12
N THR A 176 33.98 -15.84 -3.15
CA THR A 176 34.10 -16.70 -1.98
C THR A 176 33.57 -16.00 -0.73
N VAL A 177 33.19 -14.72 -0.84
CA VAL A 177 32.49 -13.99 0.20
C VAL A 177 30.99 -14.31 0.14
N ALA A 178 30.43 -14.17 -1.07
CA ALA A 178 29.00 -14.33 -1.32
C ALA A 178 28.81 -15.27 -2.50
N SER A 179 29.11 -16.53 -2.25
CA SER A 179 29.25 -17.45 -3.34
C SER A 179 27.92 -17.54 -4.08
N VAL A 180 28.01 -17.60 -5.42
CA VAL A 180 26.84 -17.53 -6.27
C VAL A 180 25.91 -18.72 -6.02
N SER A 181 26.42 -19.83 -5.49
CA SER A 181 25.56 -21.02 -5.42
C SER A 181 24.72 -20.96 -4.15
N THR A 182 25.16 -20.18 -3.14
CA THR A 182 24.40 -20.08 -1.90
C THR A 182 23.70 -18.72 -1.77
N HIS A 183 24.10 -17.73 -2.57
CA HIS A 183 23.47 -16.42 -2.56
C HIS A 183 22.83 -16.10 -3.92
N ALA A 184 23.57 -15.43 -4.82
CA ALA A 184 23.03 -14.87 -6.06
C ALA A 184 22.01 -15.75 -6.78
N ILE A 185 22.34 -17.03 -7.04
CA ILE A 185 21.55 -17.88 -7.93
C ILE A 185 20.32 -18.38 -7.18
N ARG A 186 20.47 -18.65 -5.89
CA ARG A 186 19.32 -19.03 -5.08
C ARG A 186 18.27 -17.92 -5.13
N PHE A 187 18.74 -16.67 -5.09
CA PHE A 187 17.82 -15.53 -5.13
C PHE A 187 17.12 -15.47 -6.48
N TYR A 188 17.90 -15.50 -7.57
CA TYR A 188 17.35 -15.45 -8.92
C TYR A 188 16.33 -16.57 -9.11
N GLU A 189 16.66 -17.79 -8.67
CA GLU A 189 15.85 -18.96 -9.02
C GLU A 189 14.53 -18.90 -8.25
N SER A 190 14.43 -18.06 -7.21
CA SER A 190 13.22 -17.98 -6.40
C SER A 190 12.26 -16.92 -6.94
N LEU A 191 12.78 -15.99 -7.76
CA LEU A 191 11.97 -14.94 -8.35
C LEU A 191 10.79 -15.57 -9.09
N PRO A 192 9.61 -14.92 -9.10
CA PRO A 192 8.46 -15.49 -9.78
C PRO A 192 8.79 -15.68 -11.25
N SER A 193 8.17 -16.69 -11.88
CA SER A 193 8.45 -16.91 -13.28
C SER A 193 7.84 -15.83 -14.18
N SER A 194 6.78 -15.11 -13.77
CA SER A 194 6.20 -14.04 -14.59
C SER A 194 7.05 -12.76 -14.64
N LEU A 195 8.05 -12.61 -13.77
CA LEU A 195 8.72 -11.34 -13.52
C LEU A 195 9.86 -11.11 -14.51
N PRO A 196 9.93 -9.92 -15.14
CA PRO A 196 11.10 -9.57 -15.94
C PRO A 196 12.35 -9.59 -15.07
N LYS A 197 13.34 -10.39 -15.50
CA LYS A 197 14.53 -10.69 -14.72
C LYS A 197 15.71 -11.16 -15.58
N ALA A 198 16.88 -11.19 -14.96
CA ALA A 198 18.12 -11.60 -15.57
C ALA A 198 19.14 -11.94 -14.48
N TYR A 199 19.96 -12.99 -14.72
CA TYR A 199 21.12 -13.32 -13.92
C TYR A 199 22.40 -13.21 -14.76
N LEU A 200 23.35 -12.37 -14.37
CA LEU A 200 24.63 -12.28 -15.07
C LEU A 200 25.71 -12.82 -14.16
N GLU A 201 26.50 -13.80 -14.64
CA GLU A 201 27.61 -14.31 -13.88
C GLU A 201 28.90 -13.98 -14.63
N LEU A 202 29.76 -13.16 -14.01
CA LEU A 202 30.99 -12.69 -14.62
C LEU A 202 32.06 -13.78 -14.51
N ARG A 203 32.61 -14.22 -15.67
CA ARG A 203 33.66 -15.22 -15.74
C ARG A 203 34.90 -14.76 -14.98
N GLY A 204 35.35 -15.61 -14.03
CA GLY A 204 36.58 -15.40 -13.29
C GLY A 204 36.65 -14.13 -12.44
N ALA A 205 35.51 -13.52 -12.08
CA ALA A 205 35.59 -12.34 -11.24
C ALA A 205 35.46 -12.74 -9.78
N ASP A 206 36.13 -11.95 -8.92
CA ASP A 206 36.06 -12.09 -7.47
C ASP A 206 34.92 -11.20 -6.95
N HIS A 207 34.72 -11.23 -5.62
CA HIS A 207 33.59 -10.57 -4.96
C HIS A 207 33.58 -9.04 -5.13
N PHE A 208 34.74 -8.45 -5.42
CA PHE A 208 34.92 -7.00 -5.38
C PHE A 208 34.91 -6.44 -6.80
N ALA A 209 34.55 -7.29 -7.78
CA ALA A 209 34.59 -6.86 -9.17
C ALA A 209 33.68 -5.65 -9.37
N PRO A 210 32.49 -5.60 -8.73
CA PRO A 210 31.62 -4.43 -8.81
C PRO A 210 32.18 -3.10 -8.30
N ASN A 211 33.31 -3.15 -7.59
CA ASN A 211 33.83 -1.98 -6.91
C ASN A 211 34.94 -1.33 -7.73
N ARG A 212 35.21 -1.85 -8.94
CA ARG A 212 36.11 -1.17 -9.86
C ARG A 212 35.50 -1.11 -11.26
N PRO A 213 35.76 -0.02 -12.03
CA PRO A 213 35.13 0.19 -13.33
C PRO A 213 35.12 -1.09 -14.16
N ASN A 214 33.96 -1.39 -14.76
CA ASN A 214 33.74 -2.63 -15.48
C ASN A 214 32.74 -2.40 -16.61
N THR A 215 33.23 -2.52 -17.84
CA THR A 215 32.45 -2.11 -19.00
C THR A 215 31.24 -3.03 -19.15
N THR A 216 31.38 -4.33 -18.85
CA THR A 216 30.28 -5.27 -18.96
C THR A 216 29.17 -4.91 -17.97
N ILE A 217 29.55 -4.60 -16.73
CA ILE A 217 28.58 -4.34 -15.69
C ILE A 217 27.81 -3.09 -16.09
N ALA A 218 28.54 -2.08 -16.62
CA ALA A 218 27.94 -0.78 -16.87
C ALA A 218 26.92 -0.86 -18.01
N LYS A 219 27.20 -1.66 -19.05
CA LYS A 219 26.34 -1.79 -20.21
C LYS A 219 24.99 -2.39 -19.81
N TYR A 220 24.99 -3.50 -19.06
CA TYR A 220 23.74 -4.19 -18.74
C TYR A 220 23.01 -3.48 -17.59
N VAL A 221 23.73 -2.79 -16.71
CA VAL A 221 23.12 -1.90 -15.75
C VAL A 221 22.41 -0.77 -16.50
N ILE A 222 23.10 -0.11 -17.43
CA ILE A 222 22.53 1.03 -18.13
C ILE A 222 21.29 0.59 -18.93
N ALA A 223 21.37 -0.58 -19.55
CA ALA A 223 20.27 -1.14 -20.32
C ALA A 223 19.09 -1.47 -19.43
N TRP A 224 19.33 -2.09 -18.27
CA TRP A 224 18.22 -2.48 -17.43
C TRP A 224 17.53 -1.24 -16.85
N LEU A 225 18.31 -0.29 -16.35
CA LEU A 225 17.76 0.98 -15.89
C LEU A 225 16.97 1.62 -17.02
N LYS A 226 17.54 1.65 -18.23
CA LYS A 226 16.90 2.36 -19.34
C LYS A 226 15.57 1.69 -19.64
N ARG A 227 15.59 0.37 -19.77
CA ARG A 227 14.39 -0.36 -20.17
C ARG A 227 13.24 -0.17 -19.18
N PHE A 228 13.49 -0.13 -17.87
CA PHE A 228 12.40 -0.24 -16.89
C PHE A 228 12.13 1.06 -16.15
N VAL A 229 13.19 1.83 -15.82
CA VAL A 229 13.06 3.14 -15.22
C VAL A 229 12.48 4.12 -16.25
N ASP A 230 13.06 4.15 -17.46
CA ASP A 230 12.63 5.05 -18.52
C ASP A 230 11.62 4.35 -19.45
N GLU A 231 11.32 3.06 -19.22
CA GLU A 231 10.42 2.29 -20.08
C GLU A 231 10.91 2.21 -21.53
N ASP A 232 12.23 2.39 -21.76
CA ASP A 232 12.74 2.74 -23.07
C ASP A 232 13.13 1.50 -23.88
N GLU A 233 12.31 1.10 -24.86
CA GLU A 233 12.49 -0.15 -25.60
C GLU A 233 13.65 -0.08 -26.60
N ARG A 234 14.22 1.11 -26.82
CA ARG A 234 15.43 1.22 -27.62
C ARG A 234 16.54 0.40 -26.98
N TYR A 235 16.49 0.18 -25.66
CA TYR A 235 17.54 -0.58 -25.01
C TYR A 235 17.20 -2.06 -24.87
N GLU A 236 16.07 -2.53 -25.42
CA GLU A 236 15.79 -3.95 -25.38
C GLU A 236 16.71 -4.77 -26.31
N GLN A 237 17.38 -4.12 -27.28
CA GLN A 237 18.25 -4.82 -28.22
C GLN A 237 19.43 -5.48 -27.47
N PHE A 238 19.89 -4.83 -26.40
CA PHE A 238 21.02 -5.31 -25.62
C PHE A 238 20.63 -6.39 -24.63
N LEU A 239 19.34 -6.73 -24.49
CA LEU A 239 18.90 -7.66 -23.43
C LEU A 239 18.36 -8.94 -24.05
N CYS A 240 17.64 -8.79 -25.18
CA CYS A 240 17.19 -9.91 -26.01
C CYS A 240 17.48 -9.58 -27.47
N PRO A 241 18.33 -10.37 -28.18
CA PRO A 241 18.73 -11.69 -27.69
C PRO A 241 19.74 -11.64 -26.55
N PRO A 242 19.83 -12.68 -25.69
CA PRO A 242 20.83 -12.69 -24.63
C PRO A 242 22.22 -12.79 -25.26
N PRO A 243 23.30 -12.41 -24.55
CA PRO A 243 24.65 -12.60 -25.10
C PRO A 243 25.20 -13.99 -24.83
N ASP A 244 26.44 -14.23 -25.30
CA ASP A 244 27.08 -15.53 -25.23
C ASP A 244 27.80 -15.76 -23.92
N THR A 245 27.87 -17.05 -23.55
CA THR A 245 28.38 -17.51 -22.27
C THR A 245 29.47 -18.56 -22.43
N GLY A 246 30.23 -18.51 -23.52
CA GLY A 246 31.36 -19.42 -23.71
C GLY A 246 32.56 -18.97 -22.87
N LEU A 247 33.70 -19.65 -23.06
CA LEU A 247 34.96 -19.20 -22.49
C LEU A 247 35.52 -18.04 -23.32
N PHE A 248 34.88 -17.69 -24.44
CA PHE A 248 35.25 -16.53 -25.26
C PHE A 248 34.39 -15.31 -24.93
N SER A 249 33.80 -15.24 -23.73
CA SER A 249 33.01 -14.08 -23.34
C SER A 249 33.33 -13.66 -21.91
N ASP A 250 32.89 -12.45 -21.57
CA ASP A 250 32.95 -11.92 -20.22
C ASP A 250 32.00 -12.67 -19.27
N PHE A 251 31.03 -13.43 -19.80
CA PHE A 251 30.04 -14.10 -18.98
C PHE A 251 30.34 -15.59 -18.85
N SER A 252 30.20 -16.14 -17.65
CA SER A 252 30.29 -17.58 -17.46
C SER A 252 28.90 -18.19 -17.40
N ASP A 253 27.87 -17.34 -17.26
CA ASP A 253 26.49 -17.81 -17.31
C ASP A 253 25.61 -16.58 -17.53
N TYR A 254 24.40 -16.80 -18.05
CA TYR A 254 23.43 -15.76 -18.34
C TYR A 254 22.07 -16.43 -18.44
N ARG A 255 21.10 -16.02 -17.59
CA ARG A 255 19.71 -16.46 -17.67
C ARG A 255 18.79 -15.24 -17.76
N ASP A 256 17.62 -15.44 -18.38
CA ASP A 256 16.80 -14.32 -18.80
C ASP A 256 15.34 -14.77 -18.90
N SER A 257 14.46 -13.85 -19.27
CA SER A 257 13.04 -14.17 -19.43
C SER A 257 12.53 -13.73 -20.81
N CYS A 258 13.32 -13.97 -21.87
CA CYS A 258 13.02 -13.44 -23.19
C CYS A 258 12.06 -14.38 -23.94
N PRO A 259 11.15 -13.89 -24.83
CA PRO A 259 11.09 -12.45 -25.23
C PRO A 259 10.98 -11.41 -24.11
N SER B 1 3.80 1.50 -21.89
CA SER B 1 3.41 0.19 -22.48
C SER B 1 2.72 0.39 -23.83
N ASN B 2 3.16 -0.37 -24.85
CA ASN B 2 2.70 -0.19 -26.22
C ASN B 2 1.91 -1.40 -26.69
N PRO B 3 0.58 -1.27 -26.88
CA PRO B 3 -0.28 -2.41 -27.24
C PRO B 3 -0.30 -2.79 -28.72
N TYR B 4 0.52 -2.11 -29.54
CA TYR B 4 0.53 -2.35 -30.98
C TYR B 4 1.67 -3.29 -31.39
N GLU B 5 2.55 -3.59 -30.41
CA GLU B 5 3.64 -4.56 -30.52
C GLU B 5 3.08 -5.93 -30.79
N ARG B 6 3.64 -6.59 -31.80
CA ARG B 6 3.29 -7.94 -32.22
C ARG B 6 4.57 -8.72 -32.48
N GLY B 7 4.58 -9.98 -32.03
CA GLY B 7 5.73 -10.84 -32.24
C GLY B 7 6.85 -10.58 -31.24
N PRO B 8 7.91 -11.41 -31.29
CA PRO B 8 8.99 -11.37 -30.31
C PRO B 8 10.00 -10.26 -30.60
N ASP B 9 10.96 -10.05 -29.70
CA ASP B 9 11.96 -9.01 -29.92
C ASP B 9 12.70 -9.34 -31.21
N PRO B 10 12.93 -8.35 -32.11
CA PRO B 10 13.47 -8.66 -33.43
C PRO B 10 14.99 -8.75 -33.42
N THR B 11 15.52 -9.38 -34.46
CA THR B 11 16.95 -9.54 -34.65
C THR B 11 17.21 -9.54 -36.14
N GLU B 12 18.45 -9.27 -36.56
CA GLU B 12 18.84 -9.31 -37.97
C GLU B 12 18.29 -10.57 -38.64
N SER B 13 18.36 -11.72 -37.96
CA SER B 13 17.82 -12.94 -38.54
C SER B 13 16.32 -12.80 -38.85
N SER B 14 15.52 -12.29 -37.90
CA SER B 14 14.07 -12.27 -38.09
C SER B 14 13.68 -11.31 -39.21
N VAL B 15 14.38 -10.18 -39.40
CA VAL B 15 13.93 -9.15 -40.33
C VAL B 15 14.43 -9.38 -41.76
N THR B 16 15.42 -10.27 -41.94
CA THR B 16 15.94 -10.65 -43.25
C THR B 16 15.23 -11.90 -43.78
N ALA B 17 14.47 -12.57 -42.92
CA ALA B 17 13.83 -13.84 -43.23
C ALA B 17 12.69 -13.67 -44.22
N SER B 18 12.46 -14.74 -45.00
CA SER B 18 11.39 -14.79 -46.00
C SER B 18 10.04 -14.67 -45.30
N ARG B 19 9.94 -15.29 -44.11
CA ARG B 19 8.70 -15.33 -43.34
C ARG B 19 8.94 -14.93 -41.88
N GLY B 20 8.21 -13.91 -41.45
CA GLY B 20 8.14 -13.60 -40.03
C GLY B 20 7.41 -14.73 -39.30
N PRO B 21 7.12 -14.55 -37.99
CA PRO B 21 6.42 -15.57 -37.20
C PRO B 21 4.93 -15.83 -37.39
N PHE B 22 4.26 -15.21 -38.35
CA PHE B 22 2.82 -15.34 -38.41
C PHE B 22 2.40 -16.06 -39.67
N ALA B 23 1.56 -17.08 -39.50
CA ALA B 23 1.03 -17.78 -40.64
C ALA B 23 0.01 -16.86 -41.31
N THR B 24 0.00 -16.89 -42.66
CA THR B 24 -0.83 -16.01 -43.47
C THR B 24 -1.69 -16.84 -44.43
N THR B 25 -2.75 -16.20 -44.95
CA THR B 25 -3.58 -16.70 -46.05
C THR B 25 -4.03 -15.48 -46.86
N THR B 26 -4.88 -15.64 -47.90
CA THR B 26 -5.26 -14.53 -48.77
C THR B 26 -6.75 -14.57 -49.11
N ASP B 27 -7.35 -13.38 -49.36
CA ASP B 27 -8.63 -13.25 -50.07
C ASP B 27 -8.41 -12.47 -51.37
N SER B 28 -9.01 -12.93 -52.47
CA SER B 28 -9.04 -12.16 -53.70
C SER B 28 -10.15 -11.12 -53.64
N VAL B 29 -9.91 -10.00 -54.32
CA VAL B 29 -10.87 -8.92 -54.49
C VAL B 29 -11.02 -8.71 -55.99
N SER B 30 -12.27 -8.63 -56.42
CA SER B 30 -12.62 -8.54 -57.83
C SER B 30 -12.40 -7.11 -58.33
N SER B 31 -12.07 -6.99 -59.62
CA SER B 31 -11.87 -5.69 -60.26
C SER B 31 -13.17 -4.89 -60.35
N LEU B 32 -14.32 -5.59 -60.21
CA LEU B 32 -15.63 -4.95 -60.12
C LEU B 32 -15.71 -4.06 -58.88
N VAL B 33 -14.83 -4.20 -57.89
CA VAL B 33 -14.85 -3.23 -56.81
C VAL B 33 -14.67 -1.87 -57.47
N SER B 34 -15.31 -0.84 -56.89
CA SER B 34 -15.23 0.49 -57.48
C SER B 34 -14.09 1.25 -56.80
N GLY B 35 -13.56 2.27 -57.51
CA GLY B 35 -12.48 3.12 -57.01
C GLY B 35 -11.08 2.64 -57.41
N PHE B 36 -10.94 1.34 -57.75
CA PHE B 36 -9.69 0.76 -58.18
C PHE B 36 -9.96 -0.57 -58.90
N GLY B 37 -8.90 -1.37 -59.05
CA GLY B 37 -8.86 -2.47 -59.99
C GLY B 37 -8.81 -3.85 -59.32
N GLY B 38 -9.07 -3.88 -58.01
CA GLY B 38 -9.13 -5.13 -57.24
C GLY B 38 -7.74 -5.48 -56.71
N GLY B 39 -7.58 -6.69 -56.19
CA GLY B 39 -6.26 -7.11 -55.71
C GLY B 39 -6.32 -8.33 -54.81
N THR B 40 -5.25 -8.52 -54.03
CA THR B 40 -5.09 -9.65 -53.11
C THR B 40 -4.77 -9.10 -51.73
N ILE B 41 -5.54 -9.49 -50.71
CA ILE B 41 -5.21 -9.18 -49.33
C ILE B 41 -4.46 -10.35 -48.71
N TYR B 42 -3.29 -10.07 -48.14
CA TYR B 42 -2.54 -11.04 -47.36
C TYR B 42 -2.76 -10.69 -45.89
N TYR B 43 -3.17 -11.66 -45.06
CA TYR B 43 -3.39 -11.37 -43.64
C TYR B 43 -2.95 -12.51 -42.71
N PRO B 44 -2.51 -12.22 -41.46
CA PRO B 44 -2.21 -13.26 -40.47
C PRO B 44 -3.48 -13.97 -40.02
N THR B 45 -3.39 -15.28 -39.73
CA THR B 45 -4.58 -16.04 -39.31
C THR B 45 -4.77 -15.89 -37.79
N ASP B 46 -3.68 -15.65 -37.05
CA ASP B 46 -3.72 -15.54 -35.60
C ASP B 46 -4.37 -14.23 -35.16
N THR B 47 -5.54 -14.30 -34.50
CA THR B 47 -6.21 -13.11 -33.97
C THR B 47 -5.82 -12.83 -32.52
N SER B 48 -5.20 -13.80 -31.86
CA SER B 48 -4.94 -13.79 -30.42
C SER B 48 -4.21 -12.54 -29.92
N GLU B 49 -3.38 -11.87 -30.75
CA GLU B 49 -2.55 -10.79 -30.23
C GLU B 49 -3.20 -9.42 -30.47
N GLY B 50 -4.30 -9.42 -31.23
CA GLY B 50 -5.07 -8.23 -31.52
C GLY B 50 -5.27 -8.03 -33.03
N THR B 51 -5.75 -6.83 -33.40
CA THR B 51 -5.80 -6.37 -34.78
C THR B 51 -4.40 -5.89 -35.22
N PHE B 52 -4.21 -5.78 -36.55
CA PHE B 52 -2.95 -5.36 -37.15
C PHE B 52 -3.12 -4.13 -38.03
N GLY B 53 -2.03 -3.39 -38.26
CA GLY B 53 -2.05 -2.25 -39.15
C GLY B 53 -2.28 -2.68 -40.60
N GLY B 54 -2.80 -1.76 -41.44
CA GLY B 54 -3.04 -2.06 -42.84
C GLY B 54 -2.04 -1.39 -43.77
N VAL B 55 -1.58 -2.15 -44.79
CA VAL B 55 -0.72 -1.62 -45.83
C VAL B 55 -1.37 -1.87 -47.19
N VAL B 56 -1.47 -0.80 -47.99
CA VAL B 56 -1.80 -0.92 -49.40
C VAL B 56 -0.53 -0.67 -50.21
N ILE B 57 -0.32 -1.51 -51.23
CA ILE B 57 0.83 -1.43 -52.11
C ILE B 57 0.33 -1.34 -53.54
N ALA B 58 0.81 -0.33 -54.29
CA ALA B 58 0.39 -0.10 -55.67
C ALA B 58 1.52 -0.46 -56.63
N PRO B 59 1.21 -0.94 -57.86
CA PRO B 59 2.20 -1.13 -58.90
C PRO B 59 2.49 0.11 -59.73
N GLY B 60 3.44 -0.05 -60.66
CA GLY B 60 3.90 1.01 -61.54
C GLY B 60 3.36 0.89 -62.97
N TYR B 61 3.80 1.81 -63.84
CA TYR B 61 3.25 1.98 -65.19
C TYR B 61 3.41 0.66 -65.94
N THR B 62 2.34 0.23 -66.62
CA THR B 62 2.29 -0.97 -67.46
C THR B 62 2.27 -2.27 -66.64
N ALA B 63 2.28 -2.21 -65.30
CA ALA B 63 2.47 -3.40 -64.48
C ALA B 63 1.20 -3.78 -63.72
N THR B 64 1.18 -5.02 -63.19
CA THR B 64 0.05 -5.55 -62.44
C THR B 64 0.54 -5.95 -61.05
N GLN B 65 -0.36 -6.55 -60.26
CA GLN B 65 -0.02 -6.91 -58.89
C GLN B 65 1.06 -7.99 -58.83
N SER B 66 1.23 -8.78 -59.88
CA SER B 66 2.29 -9.78 -59.87
C SER B 66 3.67 -9.11 -59.67
N SER B 67 3.83 -7.86 -60.14
CA SER B 67 5.12 -7.18 -60.05
C SER B 67 5.47 -6.80 -58.62
N ILE B 68 4.47 -6.78 -57.71
CA ILE B 68 4.71 -6.43 -56.31
C ILE B 68 4.24 -7.54 -55.38
N ALA B 69 3.83 -8.70 -55.91
CA ALA B 69 3.16 -9.71 -55.09
C ALA B 69 4.12 -10.38 -54.09
N TRP B 70 5.44 -10.35 -54.34
CA TRP B 70 6.33 -11.01 -53.40
C TRP B 70 6.31 -10.36 -52.02
N MET B 71 5.90 -9.08 -51.94
CA MET B 71 5.89 -8.34 -50.69
C MET B 71 4.72 -8.75 -49.80
N GLY B 72 3.75 -9.44 -50.38
CA GLY B 72 2.54 -9.82 -49.66
C GLY B 72 2.84 -10.65 -48.42
N HIS B 73 3.25 -11.90 -48.62
CA HIS B 73 3.50 -12.82 -47.52
C HIS B 73 4.69 -12.35 -46.69
N ARG B 74 5.72 -11.82 -47.36
CA ARG B 74 6.98 -11.43 -46.72
C ARG B 74 6.77 -10.39 -45.63
N ILE B 75 5.80 -9.49 -45.84
CA ILE B 75 5.46 -8.44 -44.89
C ILE B 75 4.30 -8.88 -44.00
N ALA B 76 3.27 -9.48 -44.58
CA ALA B 76 2.09 -9.85 -43.80
C ALA B 76 2.48 -10.77 -42.65
N SER B 77 3.40 -11.71 -42.92
CA SER B 77 3.86 -12.70 -41.95
C SER B 77 4.64 -12.06 -40.80
N GLN B 78 5.07 -10.80 -40.98
CA GLN B 78 5.72 -10.06 -39.92
C GLN B 78 4.72 -9.40 -38.97
N GLY B 79 3.42 -9.42 -39.28
CA GLY B 79 2.40 -8.87 -38.39
C GLY B 79 1.70 -7.62 -38.93
N PHE B 80 1.07 -7.80 -40.12
CA PHE B 80 0.39 -6.77 -40.91
C PHE B 80 -0.64 -7.36 -41.87
N VAL B 81 -1.64 -6.54 -42.25
CA VAL B 81 -2.57 -6.88 -43.32
C VAL B 81 -2.18 -6.11 -44.57
N VAL B 82 -1.88 -6.84 -45.65
CA VAL B 82 -1.22 -6.23 -46.79
C VAL B 82 -2.07 -6.39 -48.03
N PHE B 83 -2.42 -5.26 -48.66
CA PHE B 83 -3.32 -5.24 -49.81
C PHE B 83 -2.57 -4.79 -51.05
N THR B 84 -2.19 -5.76 -51.89
CA THR B 84 -1.58 -5.47 -53.19
C THR B 84 -2.70 -5.29 -54.20
N ILE B 85 -2.74 -4.13 -54.86
CA ILE B 85 -3.83 -3.80 -55.75
C ILE B 85 -3.37 -3.82 -57.21
N ASP B 86 -4.37 -3.88 -58.11
CA ASP B 86 -4.22 -3.47 -59.51
C ASP B 86 -4.89 -2.11 -59.68
N THR B 87 -4.47 -1.37 -60.71
CA THR B 87 -5.09 -0.09 -61.01
C THR B 87 -6.19 -0.27 -62.06
N ASN B 88 -7.11 0.69 -62.20
CA ASN B 88 -8.17 0.58 -63.20
C ASN B 88 -7.59 0.25 -64.58
N THR B 89 -6.54 0.98 -64.99
CA THR B 89 -5.76 0.71 -66.19
C THR B 89 -4.32 0.51 -65.78
N ARG B 90 -3.57 -0.22 -66.63
CA ARG B 90 -2.12 -0.28 -66.50
C ARG B 90 -1.47 1.03 -66.93
N TYR B 91 -2.22 2.08 -67.36
CA TYR B 91 -1.56 3.26 -67.91
C TYR B 91 -1.92 4.51 -67.10
N ASP B 92 -2.51 4.33 -65.90
CA ASP B 92 -2.92 5.45 -65.09
C ASP B 92 -1.69 6.16 -64.54
N GLN B 93 -1.78 7.49 -64.47
CA GLN B 93 -0.69 8.30 -64.01
C GLN B 93 -0.59 8.28 -62.47
N PRO B 94 0.47 8.89 -61.89
CA PRO B 94 0.68 8.85 -60.44
C PRO B 94 -0.51 9.30 -59.59
N ASP B 95 -1.02 10.52 -59.84
CA ASP B 95 -2.06 11.09 -58.99
C ASP B 95 -3.35 10.24 -58.97
N SER B 96 -3.67 9.64 -60.11
CA SER B 96 -4.75 8.68 -60.21
C SER B 96 -4.48 7.46 -59.33
N ARG B 97 -3.23 6.95 -59.39
CA ARG B 97 -2.87 5.80 -58.56
C ARG B 97 -3.06 6.19 -57.10
N GLY B 98 -2.76 7.47 -56.78
CA GLY B 98 -3.00 8.06 -55.47
C GLY B 98 -4.45 7.94 -55.02
N ARG B 99 -5.39 8.39 -55.87
CA ARG B 99 -6.79 8.27 -55.54
C ARG B 99 -7.17 6.81 -55.32
N GLN B 100 -6.63 5.93 -56.19
CA GLN B 100 -6.94 4.51 -56.14
C GLN B 100 -6.39 3.87 -54.86
N ILE B 101 -5.23 4.31 -54.36
CA ILE B 101 -4.67 3.77 -53.12
C ILE B 101 -5.62 4.13 -51.98
N LEU B 102 -6.10 5.38 -51.96
CA LEU B 102 -7.01 5.86 -50.93
C LEU B 102 -8.34 5.10 -51.03
N ALA B 103 -8.80 4.79 -52.24
CA ALA B 103 -10.00 3.98 -52.37
C ALA B 103 -9.78 2.58 -51.79
N ALA B 104 -8.58 2.02 -51.95
CA ALA B 104 -8.33 0.65 -51.56
C ALA B 104 -8.19 0.54 -50.05
N LEU B 105 -7.70 1.62 -49.43
CA LEU B 105 -7.54 1.66 -47.99
C LEU B 105 -8.92 1.61 -47.35
N ASP B 106 -9.79 2.48 -47.87
CA ASP B 106 -11.18 2.60 -47.43
C ASP B 106 -11.86 1.24 -47.59
N TYR B 107 -11.78 0.65 -48.79
CA TYR B 107 -12.36 -0.65 -49.01
C TYR B 107 -11.85 -1.63 -47.94
N LEU B 108 -10.54 -1.65 -47.67
CA LEU B 108 -9.96 -2.61 -46.74
C LEU B 108 -10.64 -2.50 -45.35
N THR B 109 -10.81 -1.27 -44.85
CA THR B 109 -11.23 -1.06 -43.48
C THR B 109 -12.76 -1.01 -43.36
N GLN B 110 -13.48 -0.75 -44.45
CA GLN B 110 -14.92 -0.49 -44.39
C GLN B 110 -15.74 -1.68 -44.87
N GLN B 111 -15.29 -2.37 -45.92
CA GLN B 111 -16.11 -3.37 -46.57
C GLN B 111 -15.44 -4.75 -46.72
N SER B 112 -14.11 -4.85 -46.77
CA SER B 112 -13.46 -6.12 -47.08
C SER B 112 -13.85 -7.17 -46.06
N PRO B 113 -13.75 -8.47 -46.43
CA PRO B 113 -13.98 -9.55 -45.47
C PRO B 113 -13.01 -9.60 -44.28
N VAL B 114 -11.94 -8.80 -44.26
CA VAL B 114 -11.01 -8.84 -43.14
C VAL B 114 -10.91 -7.51 -42.39
N ARG B 115 -11.88 -6.62 -42.56
CA ARG B 115 -11.94 -5.37 -41.83
C ARG B 115 -11.85 -5.58 -40.32
N ASP B 116 -12.53 -6.63 -39.81
CA ASP B 116 -12.45 -6.99 -38.39
C ASP B 116 -11.01 -7.23 -37.91
N ARG B 117 -10.04 -7.52 -38.80
CA ARG B 117 -8.65 -7.80 -38.43
C ARG B 117 -7.74 -6.57 -38.48
N VAL B 118 -8.26 -5.44 -38.97
CA VAL B 118 -7.43 -4.27 -39.27
C VAL B 118 -7.81 -3.11 -38.37
N ASP B 119 -6.79 -2.50 -37.75
CA ASP B 119 -6.97 -1.29 -36.96
C ASP B 119 -7.07 -0.09 -37.90
N PRO B 120 -8.27 0.51 -38.09
CA PRO B 120 -8.42 1.57 -39.09
C PRO B 120 -7.62 2.83 -38.81
N ASN B 121 -7.10 3.01 -37.59
CA ASN B 121 -6.30 4.19 -37.27
C ASN B 121 -4.82 3.99 -37.59
N ARG B 122 -4.43 2.79 -38.05
CA ARG B 122 -3.03 2.45 -38.22
C ARG B 122 -2.82 1.85 -39.60
N LEU B 123 -2.52 2.72 -40.58
CA LEU B 123 -2.45 2.37 -41.99
C LEU B 123 -1.22 3.01 -42.64
N ALA B 124 -0.72 2.35 -43.68
CA ALA B 124 0.45 2.82 -44.43
C ALA B 124 0.25 2.60 -45.92
N VAL B 125 1.07 3.28 -46.73
CA VAL B 125 0.98 3.21 -48.19
C VAL B 125 2.38 3.00 -48.78
N MET B 126 2.46 2.15 -49.82
CA MET B 126 3.70 1.86 -50.51
C MET B 126 3.39 1.73 -52.00
N GLY B 127 4.41 1.79 -52.84
CA GLY B 127 4.22 1.47 -54.25
C GLY B 127 5.47 1.74 -55.09
N HIS B 128 5.49 1.13 -56.28
CA HIS B 128 6.62 1.16 -57.19
C HIS B 128 6.34 2.12 -58.35
N CYS B 129 7.38 2.80 -58.86
CA CYS B 129 7.33 3.52 -60.13
C CYS B 129 6.32 4.65 -59.96
N MET B 130 5.32 4.74 -60.85
CA MET B 130 4.27 5.74 -60.68
C MET B 130 3.41 5.42 -59.46
N GLY B 131 3.38 4.15 -59.03
CA GLY B 131 2.71 3.80 -57.80
C GLY B 131 3.44 4.37 -56.58
N GLY B 132 4.72 4.66 -56.78
CA GLY B 132 5.53 5.33 -55.78
C GLY B 132 5.16 6.80 -55.65
N GLY B 133 4.95 7.46 -56.80
CA GLY B 133 4.49 8.84 -56.83
C GLY B 133 3.04 8.92 -56.34
N GLY B 134 2.27 7.86 -56.64
CA GLY B 134 0.95 7.66 -56.07
C GLY B 134 1.01 7.65 -54.54
N THR B 135 1.94 6.85 -54.00
CA THR B 135 2.16 6.80 -52.57
C THR B 135 2.44 8.19 -52.02
N LEU B 136 3.29 9.00 -52.66
CA LEU B 136 3.63 10.28 -52.06
C LEU B 136 2.37 11.14 -51.95
N ARG B 137 1.54 11.03 -52.99
CA ARG B 137 0.30 11.80 -53.08
C ARG B 137 -0.70 11.37 -52.00
N ALA B 138 -0.96 10.06 -51.86
CA ALA B 138 -1.86 9.62 -50.81
C ALA B 138 -1.42 10.17 -49.45
N ALA B 139 -0.14 10.02 -49.13
CA ALA B 139 0.40 10.57 -47.89
C ALA B 139 0.16 12.08 -47.76
N GLU B 140 0.39 12.84 -48.85
CA GLU B 140 0.13 14.29 -48.84
C GLU B 140 -1.32 14.56 -48.47
N ASN B 141 -2.24 13.80 -49.08
CA ASN B 141 -3.66 14.07 -49.02
C ASN B 141 -4.33 13.57 -47.73
N ARG B 142 -3.88 12.45 -47.14
CA ARG B 142 -4.45 11.87 -45.93
C ARG B 142 -3.40 11.83 -44.82
N PRO B 143 -3.09 12.97 -44.17
CA PRO B 143 -2.00 13.03 -43.18
C PRO B 143 -2.23 12.16 -41.95
N SER B 144 -3.42 11.56 -41.81
CA SER B 144 -3.66 10.63 -40.72
C SER B 144 -2.83 9.34 -40.89
N LEU B 145 -2.15 9.17 -42.04
CA LEU B 145 -1.45 7.93 -42.34
C LEU B 145 -0.20 7.85 -41.47
N LYS B 146 0.26 6.61 -41.23
CA LYS B 146 1.34 6.38 -40.27
C LYS B 146 2.69 6.35 -40.97
N ALA B 147 2.71 5.80 -42.19
CA ALA B 147 3.94 5.65 -42.95
C ALA B 147 3.66 5.69 -44.45
N ALA B 148 4.70 6.03 -45.23
CA ALA B 148 4.64 5.93 -46.68
C ALA B 148 6.00 5.48 -47.18
N ILE B 149 6.01 4.53 -48.14
CA ILE B 149 7.26 3.95 -48.64
C ILE B 149 7.26 3.92 -50.16
N PRO B 150 7.64 5.03 -50.84
CA PRO B 150 7.80 5.04 -52.29
C PRO B 150 9.03 4.23 -52.69
N LEU B 151 8.82 3.21 -53.53
CA LEU B 151 9.89 2.41 -54.09
C LEU B 151 10.16 2.84 -55.53
N ALA B 152 11.39 3.32 -55.81
CA ALA B 152 11.76 3.75 -57.15
C ALA B 152 10.72 4.71 -57.69
N PRO B 153 10.34 5.75 -56.93
CA PRO B 153 9.21 6.59 -57.33
C PRO B 153 9.48 7.38 -58.61
N TRP B 154 8.39 7.60 -59.35
CA TRP B 154 8.31 8.49 -60.50
C TRP B 154 7.19 9.50 -60.30
N HIS B 155 7.50 10.80 -60.47
CA HIS B 155 6.45 11.80 -60.44
C HIS B 155 6.96 13.14 -60.99
N LEU B 156 6.14 13.82 -61.77
CA LEU B 156 6.46 15.13 -62.32
C LEU B 156 6.58 16.18 -61.23
N GLN B 157 5.78 16.11 -60.16
CA GLN B 157 5.91 17.05 -59.06
C GLN B 157 7.14 16.71 -58.20
N LYS B 158 7.95 17.71 -57.85
CA LYS B 158 9.21 17.44 -57.19
C LYS B 158 9.22 17.99 -55.77
N ASP B 159 8.26 18.86 -55.45
CA ASP B 159 8.16 19.48 -54.14
C ASP B 159 7.15 18.71 -53.29
N TRP B 160 7.62 17.97 -52.29
CA TRP B 160 6.73 17.31 -51.34
C TRP B 160 6.84 17.87 -49.93
N SER B 161 6.97 19.21 -49.84
CA SER B 161 7.18 19.91 -48.59
C SER B 161 5.93 19.94 -47.70
N ASN B 162 4.79 19.46 -48.22
CA ASN B 162 3.58 19.37 -47.42
C ASN B 162 3.30 17.93 -46.98
N VAL B 163 4.20 16.97 -47.29
CA VAL B 163 4.03 15.63 -46.72
C VAL B 163 4.32 15.68 -45.23
N ARG B 164 3.42 15.10 -44.41
CA ARG B 164 3.57 15.13 -42.96
C ARG B 164 3.50 13.71 -42.39
N VAL B 165 3.64 12.70 -43.26
CA VAL B 165 3.66 11.29 -42.92
C VAL B 165 5.09 10.74 -43.04
N PRO B 166 5.61 10.02 -42.02
CA PRO B 166 6.95 9.45 -42.08
C PRO B 166 7.20 8.66 -43.37
N THR B 167 8.28 9.01 -44.08
CA THR B 167 8.47 8.61 -45.47
C THR B 167 9.87 8.03 -45.64
N MET B 168 9.93 6.75 -46.05
CA MET B 168 11.16 6.12 -46.49
C MET B 168 11.08 5.94 -47.99
N ILE B 169 11.99 6.63 -48.69
CA ILE B 169 12.11 6.52 -50.15
C ILE B 169 13.26 5.58 -50.45
N ILE B 170 12.97 4.46 -51.09
CA ILE B 170 13.99 3.58 -51.62
C ILE B 170 14.23 3.85 -53.11
N GLY B 171 15.38 4.47 -53.43
CA GLY B 171 15.85 4.64 -54.80
C GLY B 171 16.72 3.47 -55.26
N CYS B 172 16.94 3.35 -56.58
CA CYS B 172 17.87 2.39 -57.16
C CYS B 172 18.95 3.12 -57.96
N GLU B 173 20.21 2.74 -57.79
CA GLU B 173 21.31 3.62 -58.15
C GLU B 173 21.39 3.87 -59.65
N ASN B 174 21.17 2.81 -60.43
CA ASN B 174 21.35 2.88 -61.87
C ASN B 174 19.98 2.97 -62.55
N ASP B 175 19.02 3.64 -61.91
CA ASP B 175 17.66 3.75 -62.45
C ASP B 175 17.73 4.66 -63.68
N THR B 176 17.31 4.16 -64.85
CA THR B 176 17.33 4.95 -66.08
C THR B 176 15.90 5.39 -66.45
N VAL B 177 14.88 4.76 -65.86
CA VAL B 177 13.47 5.09 -66.06
C VAL B 177 13.05 6.24 -65.14
N ALA B 178 13.33 6.07 -63.84
CA ALA B 178 13.01 7.01 -62.80
C ALA B 178 14.26 7.41 -62.04
N SER B 179 15.12 8.17 -62.73
CA SER B 179 16.48 8.31 -62.27
C SER B 179 16.48 9.07 -60.95
N VAL B 180 17.30 8.56 -60.02
CA VAL B 180 17.30 9.04 -58.65
C VAL B 180 17.56 10.55 -58.62
N SER B 181 18.33 11.11 -59.56
CA SER B 181 18.70 12.51 -59.39
C SER B 181 17.56 13.43 -59.78
N THR B 182 16.59 12.94 -60.58
CA THR B 182 15.52 13.81 -61.05
C THR B 182 14.19 13.45 -60.37
N HIS B 183 14.13 12.30 -59.68
CA HIS B 183 12.94 11.86 -58.97
C HIS B 183 13.27 11.64 -57.51
N ALA B 184 13.61 10.40 -57.14
CA ALA B 184 13.71 9.93 -55.76
C ALA B 184 14.42 10.91 -54.82
N ILE B 185 15.61 11.41 -55.20
CA ILE B 185 16.39 12.24 -54.30
C ILE B 185 15.76 13.64 -54.17
N ARG B 186 15.31 14.20 -55.29
CA ARG B 186 14.68 15.51 -55.30
C ARG B 186 13.45 15.48 -54.39
N PHE B 187 12.68 14.37 -54.44
CA PHE B 187 11.55 14.16 -53.53
C PHE B 187 12.01 14.22 -52.06
N TYR B 188 12.96 13.35 -51.70
CA TYR B 188 13.44 13.27 -50.34
C TYR B 188 13.85 14.65 -49.83
N GLU B 189 14.62 15.41 -50.64
CA GLU B 189 15.25 16.64 -50.19
C GLU B 189 14.20 17.74 -49.97
N SER B 190 13.02 17.64 -50.62
CA SER B 190 11.99 18.64 -50.43
C SER B 190 11.14 18.36 -49.18
N LEU B 191 11.12 17.10 -48.71
CA LEU B 191 10.48 16.73 -47.46
C LEU B 191 10.91 17.70 -46.36
N PRO B 192 10.03 18.03 -45.40
CA PRO B 192 10.35 18.97 -44.33
C PRO B 192 11.44 18.36 -43.44
N SER B 193 12.24 19.21 -42.81
CA SER B 193 13.31 18.70 -41.98
C SER B 193 12.78 18.17 -40.66
N SER B 194 11.60 18.57 -40.18
CA SER B 194 11.10 17.99 -38.93
C SER B 194 10.47 16.61 -39.12
N LEU B 195 10.49 16.05 -40.34
CA LEU B 195 9.71 14.85 -40.64
C LEU B 195 10.60 13.63 -40.50
N PRO B 196 10.22 12.60 -39.73
CA PRO B 196 10.90 11.31 -39.79
C PRO B 196 10.92 10.76 -41.21
N LYS B 197 12.12 10.42 -41.70
CA LYS B 197 12.38 10.10 -43.10
C LYS B 197 13.74 9.41 -43.29
N ALA B 198 13.87 8.80 -44.47
CA ALA B 198 15.04 8.05 -44.85
C ALA B 198 15.09 7.98 -46.37
N TYR B 199 16.28 8.12 -46.93
CA TYR B 199 16.54 7.76 -48.32
C TYR B 199 17.50 6.57 -48.34
N LEU B 200 17.06 5.47 -48.95
CA LEU B 200 17.90 4.30 -49.22
C LEU B 200 18.18 4.21 -50.72
N GLU B 201 19.47 4.24 -51.12
CA GLU B 201 19.84 4.01 -52.52
C GLU B 201 20.51 2.65 -52.68
N LEU B 202 19.87 1.74 -53.42
CA LEU B 202 20.38 0.39 -53.58
C LEU B 202 21.52 0.39 -54.60
N ARG B 203 22.69 -0.16 -54.19
CA ARG B 203 23.91 -0.11 -54.98
C ARG B 203 23.73 -0.98 -56.21
N GLY B 204 24.05 -0.42 -57.39
CA GLY B 204 23.99 -1.10 -58.67
C GLY B 204 22.66 -1.81 -58.97
N ALA B 205 21.53 -1.28 -58.47
CA ALA B 205 20.24 -1.84 -58.82
C ALA B 205 19.62 -1.03 -59.95
N ASP B 206 18.88 -1.75 -60.80
CA ASP B 206 18.14 -1.14 -61.89
C ASP B 206 16.73 -0.83 -61.40
N HIS B 207 15.94 -0.19 -62.29
CA HIS B 207 14.61 0.30 -61.98
C HIS B 207 13.67 -0.79 -61.45
N PHE B 208 13.95 -2.06 -61.73
CA PHE B 208 12.97 -3.11 -61.46
C PHE B 208 13.42 -3.96 -60.28
N ALA B 209 14.43 -3.51 -59.52
CA ALA B 209 14.85 -4.28 -58.35
C ALA B 209 13.67 -4.50 -57.40
N PRO B 210 12.84 -3.48 -57.11
CA PRO B 210 11.67 -3.69 -56.25
C PRO B 210 10.68 -4.80 -56.61
N ASN B 211 10.85 -5.37 -57.81
CA ASN B 211 9.89 -6.33 -58.35
C ASN B 211 10.37 -7.76 -58.15
N ARG B 212 11.60 -7.95 -57.65
CA ARG B 212 12.15 -9.26 -57.32
C ARG B 212 12.38 -9.35 -55.81
N PRO B 213 12.17 -10.52 -55.15
CA PRO B 213 12.56 -10.68 -53.75
C PRO B 213 13.96 -10.09 -53.52
N ASN B 214 14.07 -9.33 -52.44
CA ASN B 214 15.24 -8.52 -52.16
C ASN B 214 15.28 -8.27 -50.65
N THR B 215 16.22 -8.91 -49.95
CA THR B 215 16.14 -8.95 -48.50
C THR B 215 16.53 -7.59 -47.89
N THR B 216 17.29 -6.72 -48.57
CA THR B 216 17.55 -5.38 -48.09
C THR B 216 16.25 -4.54 -48.12
N ILE B 217 15.43 -4.72 -49.15
CA ILE B 217 14.20 -3.96 -49.22
C ILE B 217 13.28 -4.44 -48.09
N ALA B 218 13.12 -5.76 -47.98
CA ALA B 218 12.23 -6.32 -46.99
C ALA B 218 12.64 -5.93 -45.57
N LYS B 219 13.94 -5.88 -45.28
CA LYS B 219 14.42 -5.55 -43.94
C LYS B 219 13.98 -4.12 -43.58
N TYR B 220 14.36 -3.14 -44.41
CA TYR B 220 14.14 -1.74 -44.05
C TYR B 220 12.68 -1.35 -44.25
N VAL B 221 11.94 -2.10 -45.08
CA VAL B 221 10.49 -1.93 -45.16
C VAL B 221 9.84 -2.40 -43.86
N ILE B 222 10.22 -3.59 -43.36
CA ILE B 222 9.59 -4.13 -42.17
C ILE B 222 9.94 -3.25 -40.97
N ALA B 223 11.16 -2.73 -40.91
CA ALA B 223 11.52 -1.84 -39.81
C ALA B 223 10.71 -0.55 -39.86
N TRP B 224 10.53 0.04 -41.04
CA TRP B 224 9.84 1.31 -41.10
C TRP B 224 8.36 1.12 -40.76
N LEU B 225 7.74 0.06 -41.28
CA LEU B 225 6.33 -0.16 -40.99
C LEU B 225 6.21 -0.40 -39.48
N LYS B 226 7.10 -1.22 -38.91
CA LYS B 226 7.04 -1.54 -37.49
C LYS B 226 7.16 -0.25 -36.67
N ARG B 227 8.19 0.54 -36.99
CA ARG B 227 8.51 1.71 -36.20
C ARG B 227 7.34 2.70 -36.17
N PHE B 228 6.59 2.86 -37.29
CA PHE B 228 5.60 3.93 -37.38
C PHE B 228 4.16 3.40 -37.38
N VAL B 229 3.89 2.27 -38.03
CA VAL B 229 2.54 1.73 -38.12
C VAL B 229 2.18 1.13 -36.76
N ASP B 230 3.15 0.49 -36.10
CA ASP B 230 2.94 -0.15 -34.81
C ASP B 230 3.53 0.69 -33.68
N GLU B 231 4.28 1.76 -34.00
CA GLU B 231 4.87 2.65 -32.99
C GLU B 231 5.92 1.88 -32.19
N ASP B 232 6.50 0.85 -32.82
CA ASP B 232 7.26 -0.18 -32.14
C ASP B 232 8.74 0.19 -32.12
N GLU B 233 9.25 0.61 -30.95
CA GLU B 233 10.60 1.16 -30.86
C GLU B 233 11.65 0.04 -30.81
N ARG B 234 11.19 -1.22 -30.73
CA ARG B 234 12.14 -2.31 -30.79
C ARG B 234 12.86 -2.34 -32.14
N TYR B 235 12.28 -1.72 -33.19
CA TYR B 235 12.85 -1.75 -34.53
C TYR B 235 13.66 -0.50 -34.86
N GLU B 236 13.71 0.44 -33.93
CA GLU B 236 14.54 1.63 -34.09
C GLU B 236 16.01 1.25 -34.26
N GLN B 237 16.44 0.08 -33.75
CA GLN B 237 17.83 -0.35 -33.83
C GLN B 237 18.32 -0.55 -35.27
N PHE B 238 17.41 -0.95 -36.18
CA PHE B 238 17.76 -1.18 -37.58
C PHE B 238 17.88 0.12 -38.37
N LEU B 239 17.31 1.21 -37.85
CA LEU B 239 17.21 2.47 -38.58
C LEU B 239 18.23 3.48 -38.07
N CYS B 240 18.46 3.53 -36.75
CA CYS B 240 19.56 4.33 -36.20
C CYS B 240 20.41 3.48 -35.25
N PRO B 241 21.73 3.39 -35.48
CA PRO B 241 22.42 4.31 -36.38
C PRO B 241 22.29 3.82 -37.81
N PRO B 242 22.49 4.71 -38.81
CA PRO B 242 22.26 4.37 -40.21
C PRO B 242 23.32 3.35 -40.64
N PRO B 243 23.02 2.44 -41.59
CA PRO B 243 24.02 1.47 -42.04
C PRO B 243 25.14 2.18 -42.81
N ASP B 244 26.25 1.46 -43.06
CA ASP B 244 27.38 2.00 -43.81
C ASP B 244 27.16 1.77 -45.29
N THR B 245 27.78 2.65 -46.10
CA THR B 245 27.60 2.65 -47.54
C THR B 245 28.95 2.44 -48.24
N GLY B 246 29.80 1.55 -47.70
CA GLY B 246 31.10 1.26 -48.29
C GLY B 246 30.96 0.34 -49.51
N LEU B 247 32.09 -0.32 -49.83
CA LEU B 247 32.28 -1.08 -51.07
C LEU B 247 31.23 -2.20 -51.14
N PHE B 248 31.09 -2.97 -50.05
CA PHE B 248 30.30 -4.20 -50.03
C PHE B 248 28.91 -4.00 -49.41
N SER B 249 28.56 -2.77 -49.06
CA SER B 249 27.20 -2.41 -48.65
C SER B 249 26.22 -2.63 -49.81
N ASP B 250 24.96 -2.97 -49.48
CA ASP B 250 23.91 -2.93 -50.47
C ASP B 250 23.50 -1.50 -50.80
N PHE B 251 23.95 -0.51 -50.00
CA PHE B 251 23.60 0.90 -50.19
C PHE B 251 24.77 1.66 -50.82
N SER B 252 24.45 2.43 -51.87
CA SER B 252 25.37 3.42 -52.40
C SER B 252 25.15 4.77 -51.74
N ASP B 253 24.08 4.89 -50.94
CA ASP B 253 23.80 6.11 -50.19
C ASP B 253 22.71 5.80 -49.17
N TYR B 254 22.67 6.60 -48.10
CA TYR B 254 21.70 6.46 -47.03
C TYR B 254 21.62 7.80 -46.30
N ARG B 255 20.43 8.41 -46.26
CA ARG B 255 20.21 9.62 -45.49
C ARG B 255 19.06 9.39 -44.50
N ASP B 256 19.04 10.17 -43.43
CA ASP B 256 18.37 9.75 -42.22
C ASP B 256 18.04 11.00 -41.40
N SER B 257 17.10 10.85 -40.47
CA SER B 257 16.71 11.91 -39.56
C SER B 257 16.81 11.42 -38.11
N CYS B 258 17.97 10.84 -37.75
CA CYS B 258 18.23 10.34 -36.40
C CYS B 258 18.81 11.47 -35.53
N PRO B 259 18.75 11.45 -34.16
CA PRO B 259 18.14 10.36 -33.37
C PRO B 259 16.77 9.79 -33.71
N SER C 1 -27.50 10.30 -1.92
CA SER C 1 -27.50 9.24 -0.88
C SER C 1 -26.14 8.53 -0.87
N ASN C 2 -25.78 7.89 0.26
CA ASN C 2 -24.59 7.05 0.35
C ASN C 2 -25.00 5.59 0.37
N PRO C 3 -24.68 4.81 -0.67
CA PRO C 3 -25.18 3.42 -0.74
C PRO C 3 -24.50 2.43 0.24
N TYR C 4 -23.46 2.89 0.94
CA TYR C 4 -22.63 2.04 1.79
C TYR C 4 -22.97 2.21 3.28
N GLU C 5 -23.91 3.11 3.60
CA GLU C 5 -24.41 3.26 4.96
C GLU C 5 -25.06 1.95 5.38
N ARG C 6 -24.79 1.50 6.61
CA ARG C 6 -25.40 0.28 7.12
C ARG C 6 -25.81 0.54 8.56
N GLY C 7 -27.00 0.07 8.95
CA GLY C 7 -27.47 0.16 10.33
C GLY C 7 -28.01 1.55 10.72
N PRO C 8 -28.80 1.59 11.82
CA PRO C 8 -29.36 2.84 12.37
C PRO C 8 -28.38 3.99 12.58
N ASP C 9 -28.92 5.20 12.62
CA ASP C 9 -28.13 6.35 13.02
C ASP C 9 -27.44 5.97 14.33
N PRO C 10 -26.12 6.26 14.45
CA PRO C 10 -25.38 5.99 15.68
C PRO C 10 -25.50 6.98 16.83
N THR C 11 -25.29 6.50 18.05
CA THR C 11 -25.23 7.32 19.25
C THR C 11 -23.96 6.97 20.02
N GLU C 12 -23.72 7.69 21.11
CA GLU C 12 -22.60 7.40 21.99
C GLU C 12 -22.72 6.01 22.62
N SER C 13 -23.95 5.62 22.99
CA SER C 13 -24.23 4.26 23.43
C SER C 13 -23.88 3.20 22.38
N SER C 14 -24.27 3.44 21.11
CA SER C 14 -24.20 2.38 20.10
C SER C 14 -22.74 2.05 19.74
N VAL C 15 -21.83 3.06 19.68
CA VAL C 15 -20.44 2.85 19.27
C VAL C 15 -19.60 2.29 20.43
N THR C 16 -20.10 2.39 21.67
CA THR C 16 -19.33 1.98 22.84
C THR C 16 -19.79 0.61 23.34
N ALA C 17 -20.78 0.00 22.68
CA ALA C 17 -21.38 -1.22 23.21
C ALA C 17 -20.65 -2.47 22.70
N SER C 18 -20.68 -3.55 23.50
CA SER C 18 -20.10 -4.81 23.09
C SER C 18 -20.57 -5.17 21.67
N ARG C 19 -21.87 -5.00 21.41
CA ARG C 19 -22.52 -5.54 20.21
C ARG C 19 -23.29 -4.45 19.49
N GLY C 20 -23.01 -4.28 18.20
CA GLY C 20 -23.74 -3.32 17.38
C GLY C 20 -25.04 -3.97 16.95
N PRO C 21 -25.77 -3.37 15.99
CA PRO C 21 -27.07 -3.93 15.59
C PRO C 21 -27.08 -5.25 14.79
N PHE C 22 -25.95 -5.69 14.23
CA PHE C 22 -26.00 -6.87 13.37
C PHE C 22 -25.63 -8.14 14.13
N ALA C 23 -26.47 -9.17 13.96
CA ALA C 23 -26.15 -10.50 14.44
C ALA C 23 -24.99 -11.04 13.60
N THR C 24 -24.08 -11.83 14.21
CA THR C 24 -22.88 -12.29 13.52
C THR C 24 -22.68 -13.79 13.72
N THR C 25 -21.82 -14.39 12.88
CA THR C 25 -21.35 -15.77 13.04
C THR C 25 -19.95 -15.86 12.44
N THR C 26 -19.37 -17.08 12.39
CA THR C 26 -17.96 -17.24 12.05
C THR C 26 -17.72 -18.42 11.13
N ASP C 27 -16.77 -18.23 10.19
CA ASP C 27 -16.13 -19.31 9.48
C ASP C 27 -14.67 -19.38 9.92
N SER C 28 -14.20 -20.63 10.07
CA SER C 28 -12.81 -20.94 10.40
C SER C 28 -12.02 -21.30 9.14
N VAL C 29 -10.88 -20.64 8.95
CA VAL C 29 -10.04 -20.82 7.78
C VAL C 29 -8.72 -21.46 8.22
N SER C 30 -8.36 -22.57 7.58
CA SER C 30 -7.30 -23.43 8.07
C SER C 30 -5.92 -22.83 7.75
N SER C 31 -4.87 -23.33 8.44
CA SER C 31 -3.53 -22.80 8.27
C SER C 31 -2.90 -23.27 6.96
N LEU C 32 -3.50 -24.30 6.33
CA LEU C 32 -3.00 -24.89 5.08
C LEU C 32 -3.18 -23.94 3.90
N VAL C 33 -3.96 -22.86 4.06
CA VAL C 33 -3.99 -21.82 3.04
C VAL C 33 -2.59 -21.20 2.84
N SER C 34 -2.40 -20.60 1.64
CA SER C 34 -1.15 -20.01 1.20
C SER C 34 -1.05 -18.57 1.66
N GLY C 35 0.20 -18.17 2.01
CA GLY C 35 0.63 -16.79 2.14
C GLY C 35 0.43 -16.28 3.57
N PHE C 36 -0.18 -17.12 4.42
CA PHE C 36 -0.50 -16.76 5.79
C PHE C 36 -1.00 -18.03 6.48
N GLY C 37 -1.37 -17.87 7.77
CA GLY C 37 -1.51 -18.95 8.73
C GLY C 37 -2.96 -19.29 9.11
N GLY C 38 -3.91 -18.88 8.23
CA GLY C 38 -5.33 -19.12 8.44
C GLY C 38 -5.92 -18.02 9.33
N GLY C 39 -7.08 -18.33 9.94
CA GLY C 39 -7.70 -17.41 10.88
C GLY C 39 -9.20 -17.68 11.04
N THR C 40 -9.94 -16.62 11.41
CA THR C 40 -11.36 -16.71 11.70
C THR C 40 -12.04 -15.50 11.05
N ILE C 41 -13.11 -15.75 10.30
CA ILE C 41 -13.86 -14.68 9.67
C ILE C 41 -15.13 -14.49 10.48
N TYR C 42 -15.36 -13.24 10.88
CA TYR C 42 -16.57 -12.80 11.56
C TYR C 42 -17.38 -11.95 10.61
N TYR C 43 -18.68 -12.26 10.48
CA TYR C 43 -19.51 -11.60 9.49
C TYR C 43 -20.97 -11.51 9.95
N PRO C 44 -21.72 -10.48 9.46
CA PRO C 44 -23.16 -10.37 9.71
C PRO C 44 -23.99 -11.32 8.84
N THR C 45 -24.94 -12.05 9.46
CA THR C 45 -25.84 -12.97 8.76
C THR C 45 -26.85 -12.23 7.88
N ASP C 46 -27.31 -11.05 8.30
CA ASP C 46 -28.18 -10.22 7.48
C ASP C 46 -27.45 -9.74 6.20
N THR C 47 -27.99 -10.13 5.03
CA THR C 47 -27.53 -9.63 3.74
C THR C 47 -28.47 -8.58 3.16
N SER C 48 -29.60 -8.29 3.83
CA SER C 48 -30.68 -7.53 3.22
C SER C 48 -30.26 -6.08 2.90
N GLU C 49 -29.10 -5.63 3.39
CA GLU C 49 -28.73 -4.23 3.18
C GLU C 49 -27.57 -4.08 2.21
N GLY C 50 -27.02 -5.21 1.71
CA GLY C 50 -25.93 -5.20 0.73
C GLY C 50 -24.67 -5.88 1.27
N THR C 51 -23.57 -5.68 0.54
CA THR C 51 -22.26 -6.20 0.92
C THR C 51 -21.66 -5.27 1.97
N PHE C 52 -20.66 -5.77 2.72
CA PHE C 52 -19.96 -4.96 3.72
C PHE C 52 -18.47 -4.78 3.42
N GLY C 53 -17.85 -3.74 3.99
CA GLY C 53 -16.41 -3.59 3.88
C GLY C 53 -15.67 -4.75 4.56
N GLY C 54 -14.39 -4.96 4.22
CA GLY C 54 -13.61 -6.06 4.76
C GLY C 54 -12.37 -5.55 5.50
N VAL C 55 -12.13 -6.18 6.65
CA VAL C 55 -11.04 -5.82 7.54
C VAL C 55 -10.27 -7.09 7.89
N VAL C 56 -8.94 -7.05 7.68
CA VAL C 56 -8.04 -8.04 8.25
C VAL C 56 -7.28 -7.43 9.43
N ILE C 57 -7.10 -8.24 10.49
CA ILE C 57 -6.46 -7.84 11.74
C ILE C 57 -5.36 -8.86 12.02
N ALA C 58 -4.14 -8.36 12.25
CA ALA C 58 -3.02 -9.24 12.44
C ALA C 58 -2.54 -9.22 13.90
N PRO C 59 -2.08 -10.37 14.43
CA PRO C 59 -1.56 -10.46 15.78
C PRO C 59 -0.14 -9.92 15.79
N GLY C 60 0.38 -9.70 17.00
CA GLY C 60 1.73 -9.22 17.18
C GLY C 60 2.70 -10.34 17.52
N TYR C 61 3.84 -9.91 18.07
CA TYR C 61 5.00 -10.77 18.16
C TYR C 61 4.76 -11.91 19.16
N THR C 62 5.08 -13.15 18.76
CA THR C 62 4.85 -14.36 19.56
C THR C 62 3.37 -14.73 19.65
N ALA C 63 2.45 -13.93 19.10
CA ALA C 63 1.05 -14.11 19.44
C ALA C 63 0.27 -14.79 18.29
N THR C 64 -0.94 -15.28 18.62
CA THR C 64 -1.86 -15.83 17.64
C THR C 64 -3.16 -15.01 17.63
N GLN C 65 -4.15 -15.47 16.86
CA GLN C 65 -5.37 -14.71 16.65
C GLN C 65 -6.11 -14.56 17.98
N SER C 66 -5.79 -15.42 18.96
CA SER C 66 -6.50 -15.40 20.23
C SER C 66 -6.34 -14.03 20.91
N SER C 67 -5.24 -13.32 20.60
CA SER C 67 -4.91 -12.05 21.23
C SER C 67 -5.62 -10.86 20.59
N ILE C 68 -6.38 -11.07 19.52
CA ILE C 68 -7.12 -9.98 18.86
C ILE C 68 -8.59 -10.36 18.69
N ALA C 69 -9.01 -11.49 19.27
CA ALA C 69 -10.31 -12.08 18.97
C ALA C 69 -11.43 -11.16 19.44
N TRP C 70 -11.21 -10.44 20.54
CA TRP C 70 -12.26 -9.65 21.16
C TRP C 70 -12.85 -8.65 20.14
N MET C 71 -12.03 -8.23 19.17
CA MET C 71 -12.39 -7.29 18.09
C MET C 71 -13.29 -7.92 17.02
N GLY C 72 -13.33 -9.26 16.97
CA GLY C 72 -14.03 -10.02 15.93
C GLY C 72 -15.51 -9.67 15.90
N HIS C 73 -16.27 -10.15 16.89
CA HIS C 73 -17.69 -9.84 16.99
C HIS C 73 -17.91 -8.33 17.22
N ARG C 74 -17.01 -7.68 17.96
CA ARG C 74 -17.23 -6.30 18.35
C ARG C 74 -17.34 -5.40 17.11
N ILE C 75 -16.52 -5.63 16.09
CA ILE C 75 -16.54 -4.78 14.92
C ILE C 75 -17.51 -5.35 13.88
N ALA C 76 -17.50 -6.66 13.70
CA ALA C 76 -18.35 -7.29 12.70
C ALA C 76 -19.80 -6.86 12.92
N SER C 77 -20.22 -6.85 14.19
CA SER C 77 -21.60 -6.55 14.54
C SER C 77 -21.95 -5.08 14.34
N GLN C 78 -20.98 -4.23 14.00
CA GLN C 78 -21.32 -2.89 13.53
C GLN C 78 -21.48 -2.85 12.00
N GLY C 79 -21.37 -4.01 11.34
CA GLY C 79 -21.60 -4.11 9.91
C GLY C 79 -20.31 -4.07 9.09
N PHE C 80 -19.48 -5.10 9.37
CA PHE C 80 -18.24 -5.37 8.66
C PHE C 80 -17.94 -6.86 8.69
N VAL C 81 -17.02 -7.26 7.81
CA VAL C 81 -16.54 -8.63 7.73
C VAL C 81 -15.11 -8.59 8.20
N VAL C 82 -14.83 -9.26 9.33
CA VAL C 82 -13.58 -9.07 10.04
C VAL C 82 -12.86 -10.40 10.10
N PHE C 83 -11.58 -10.40 9.67
CA PHE C 83 -10.78 -11.60 9.52
C PHE C 83 -9.56 -11.51 10.42
N THR C 84 -9.62 -12.19 11.57
CA THR C 84 -8.48 -12.23 12.47
C THR C 84 -7.60 -13.39 12.05
N ILE C 85 -6.31 -13.12 11.73
CA ILE C 85 -5.45 -14.13 11.14
C ILE C 85 -4.38 -14.59 12.14
N ASP C 86 -3.89 -15.83 11.96
CA ASP C 86 -2.57 -16.22 12.42
C ASP C 86 -1.57 -15.90 11.31
N THR C 87 -0.35 -15.44 11.65
CA THR C 87 0.75 -15.34 10.71
C THR C 87 1.36 -16.74 10.50
N ASN C 88 2.34 -16.84 9.60
CA ASN C 88 2.95 -18.10 9.23
C ASN C 88 3.65 -18.74 10.42
N THR C 89 4.58 -18.01 11.05
CA THR C 89 5.12 -18.30 12.37
C THR C 89 4.87 -17.12 13.32
N ARG C 90 4.93 -17.44 14.62
CA ARG C 90 4.93 -16.47 15.71
C ARG C 90 6.04 -15.43 15.58
N TYR C 91 7.12 -15.74 14.85
CA TYR C 91 8.34 -14.96 14.97
C TYR C 91 8.51 -14.05 13.75
N ASP C 92 7.45 -13.88 12.95
CA ASP C 92 7.57 -13.22 11.64
C ASP C 92 7.83 -11.73 11.83
N GLN C 93 8.71 -11.14 11.00
CA GLN C 93 9.08 -9.75 11.12
C GLN C 93 7.90 -8.89 10.63
N PRO C 94 7.85 -7.58 10.94
CA PRO C 94 6.78 -6.69 10.45
C PRO C 94 6.45 -6.67 8.94
N ASP C 95 7.43 -6.34 8.09
CA ASP C 95 7.19 -6.29 6.65
C ASP C 95 6.49 -7.56 6.19
N SER C 96 6.86 -8.69 6.80
CA SER C 96 6.37 -9.98 6.37
C SER C 96 4.89 -10.11 6.74
N ARG C 97 4.53 -9.70 7.96
CA ARG C 97 3.13 -9.69 8.37
C ARG C 97 2.33 -8.78 7.45
N GLY C 98 2.96 -7.72 6.93
CA GLY C 98 2.34 -6.89 5.92
C GLY C 98 1.95 -7.69 4.67
N ARG C 99 2.94 -8.45 4.13
CA ARG C 99 2.76 -9.18 2.87
C ARG C 99 1.65 -10.23 3.17
N GLN C 100 1.55 -10.71 4.42
CA GLN C 100 0.57 -11.72 4.82
C GLN C 100 -0.85 -11.15 5.01
N ILE C 101 -0.92 -9.95 5.59
CA ILE C 101 -2.17 -9.23 5.66
C ILE C 101 -2.80 -9.16 4.27
N LEU C 102 -2.02 -8.73 3.27
CA LEU C 102 -2.50 -8.58 1.89
C LEU C 102 -2.96 -9.92 1.31
N ALA C 103 -2.19 -10.96 1.56
CA ALA C 103 -2.57 -12.31 1.18
C ALA C 103 -3.96 -12.67 1.72
N ALA C 104 -4.27 -12.27 2.96
CA ALA C 104 -5.52 -12.68 3.60
C ALA C 104 -6.70 -11.85 3.09
N LEU C 105 -6.44 -10.59 2.70
CA LEU C 105 -7.43 -9.77 2.05
C LEU C 105 -7.85 -10.41 0.73
N ASP C 106 -6.85 -10.82 -0.06
CA ASP C 106 -7.08 -11.48 -1.33
C ASP C 106 -7.77 -12.82 -1.11
N TYR C 107 -7.42 -13.55 -0.04
CA TYR C 107 -8.07 -14.82 0.25
C TYR C 107 -9.54 -14.54 0.55
N LEU C 108 -9.80 -13.44 1.27
CA LEU C 108 -11.16 -13.14 1.71
C LEU C 108 -12.06 -12.72 0.55
N THR C 109 -11.54 -11.91 -0.39
CA THR C 109 -12.36 -11.43 -1.49
C THR C 109 -12.44 -12.49 -2.60
N GLN C 110 -11.33 -13.16 -2.91
CA GLN C 110 -11.27 -14.03 -4.08
C GLN C 110 -11.72 -15.48 -3.82
N GLN C 111 -11.48 -16.07 -2.62
CA GLN C 111 -11.70 -17.51 -2.44
C GLN C 111 -12.49 -17.92 -1.21
N SER C 112 -12.67 -17.04 -0.23
CA SER C 112 -13.24 -17.45 1.05
C SER C 112 -14.70 -17.85 0.84
N PRO C 113 -15.31 -18.69 1.72
CA PRO C 113 -16.76 -18.96 1.63
C PRO C 113 -17.70 -17.77 1.71
N VAL C 114 -17.17 -16.56 1.97
CA VAL C 114 -18.00 -15.40 2.22
C VAL C 114 -17.58 -14.25 1.29
N ARG C 115 -16.96 -14.56 0.16
CA ARG C 115 -16.55 -13.53 -0.79
C ARG C 115 -17.76 -12.73 -1.29
N ASP C 116 -18.89 -13.43 -1.46
CA ASP C 116 -20.23 -12.88 -1.66
C ASP C 116 -20.51 -11.59 -0.90
N ARG C 117 -20.16 -11.62 0.40
CA ARG C 117 -20.65 -10.67 1.40
C ARG C 117 -19.73 -9.46 1.55
N VAL C 118 -18.63 -9.43 0.79
CA VAL C 118 -17.63 -8.40 0.96
C VAL C 118 -17.51 -7.57 -0.31
N ASP C 119 -17.72 -6.26 -0.18
CA ASP C 119 -17.36 -5.34 -1.24
C ASP C 119 -15.84 -5.39 -1.41
N PRO C 120 -15.29 -6.01 -2.50
CA PRO C 120 -13.85 -5.99 -2.73
C PRO C 120 -13.17 -4.63 -2.89
N ASN C 121 -13.95 -3.56 -3.03
CA ASN C 121 -13.35 -2.25 -3.26
C ASN C 121 -13.24 -1.44 -2.00
N ARG C 122 -13.69 -2.02 -0.88
CA ARG C 122 -13.75 -1.29 0.37
C ARG C 122 -13.14 -2.14 1.48
N LEU C 123 -11.83 -1.94 1.69
CA LEU C 123 -11.05 -2.86 2.51
C LEU C 123 -10.19 -2.09 3.51
N ALA C 124 -9.93 -2.72 4.66
CA ALA C 124 -9.05 -2.10 5.64
C ALA C 124 -8.18 -3.13 6.35
N VAL C 125 -7.13 -2.59 6.97
CA VAL C 125 -6.07 -3.38 7.58
C VAL C 125 -5.84 -2.83 8.99
N MET C 126 -5.64 -3.77 9.94
CA MET C 126 -5.30 -3.45 11.32
C MET C 126 -4.41 -4.54 11.88
N GLY C 127 -3.71 -4.20 12.97
CA GLY C 127 -2.96 -5.19 13.69
C GLY C 127 -2.24 -4.62 14.92
N HIS C 128 -1.82 -5.52 15.79
CA HIS C 128 -1.16 -5.21 17.05
C HIS C 128 0.33 -5.44 16.92
N CYS C 129 1.14 -4.60 17.58
CA CYS C 129 2.57 -4.86 17.79
C CYS C 129 3.22 -4.92 16.40
N MET C 130 3.92 -6.02 16.09
CA MET C 130 4.58 -6.14 14.79
C MET C 130 3.58 -6.25 13.65
N GLY C 131 2.41 -6.85 13.94
CA GLY C 131 1.27 -6.79 13.05
C GLY C 131 0.84 -5.35 12.77
N GLY C 132 1.22 -4.40 13.64
CA GLY C 132 0.88 -3.00 13.41
C GLY C 132 1.89 -2.38 12.45
N GLY C 133 3.15 -2.72 12.66
CA GLY C 133 4.16 -2.54 11.63
C GLY C 133 3.70 -3.15 10.32
N GLY C 134 3.18 -4.38 10.38
CA GLY C 134 2.66 -5.02 9.19
C GLY C 134 1.61 -4.14 8.50
N THR C 135 0.69 -3.60 9.32
CA THR C 135 -0.44 -2.80 8.88
C THR C 135 0.07 -1.62 8.05
N LEU C 136 1.14 -0.95 8.50
CA LEU C 136 1.75 0.14 7.74
C LEU C 136 2.28 -0.33 6.38
N ARG C 137 2.91 -1.52 6.33
CA ARG C 137 3.47 -2.03 5.08
C ARG C 137 2.35 -2.24 4.06
N ALA C 138 1.31 -2.99 4.49
CA ALA C 138 0.16 -3.26 3.65
C ALA C 138 -0.42 -1.96 3.09
N ALA C 139 -0.58 -0.94 3.93
CA ALA C 139 -1.16 0.31 3.48
C ALA C 139 -0.29 1.03 2.45
N GLU C 140 1.03 1.05 2.68
CA GLU C 140 1.96 1.65 1.74
C GLU C 140 1.90 0.94 0.39
N ASN C 141 1.69 -0.37 0.39
CA ASN C 141 1.73 -1.16 -0.83
C ASN C 141 0.48 -0.92 -1.68
N ARG C 142 -0.70 -0.84 -1.03
CA ARG C 142 -1.98 -0.73 -1.72
C ARG C 142 -2.69 0.56 -1.34
N PRO C 143 -2.43 1.71 -2.04
CA PRO C 143 -3.17 2.93 -1.74
C PRO C 143 -4.68 2.88 -2.00
N SER C 144 -5.19 1.81 -2.59
CA SER C 144 -6.62 1.64 -2.75
C SER C 144 -7.32 1.24 -1.45
N LEU C 145 -6.57 0.90 -0.40
CA LEU C 145 -7.18 0.48 0.87
C LEU C 145 -7.90 1.69 1.48
N LYS C 146 -9.02 1.44 2.19
CA LYS C 146 -9.82 2.53 2.71
C LYS C 146 -9.31 3.05 4.06
N ALA C 147 -8.78 2.16 4.90
CA ALA C 147 -8.32 2.55 6.22
C ALA C 147 -7.23 1.63 6.74
N ALA C 148 -6.43 2.20 7.63
CA ALA C 148 -5.31 1.51 8.27
C ALA C 148 -5.26 1.90 9.74
N ILE C 149 -5.32 0.91 10.66
CA ILE C 149 -5.31 1.18 12.09
C ILE C 149 -4.26 0.32 12.81
N PRO C 150 -3.01 0.80 12.93
CA PRO C 150 -2.00 0.18 13.78
C PRO C 150 -2.26 0.43 15.27
N LEU C 151 -2.19 -0.67 16.06
CA LEU C 151 -2.35 -0.68 17.51
C LEU C 151 -1.02 -0.99 18.17
N ALA C 152 -0.48 -0.02 18.93
CA ALA C 152 0.74 -0.26 19.67
C ALA C 152 1.81 -0.76 18.70
N PRO C 153 1.96 -0.14 17.52
CA PRO C 153 2.83 -0.68 16.47
C PRO C 153 4.31 -0.71 16.84
N TRP C 154 4.99 -1.74 16.30
CA TRP C 154 6.43 -1.90 16.40
C TRP C 154 7.01 -2.03 14.99
N HIS C 155 8.11 -1.32 14.71
CA HIS C 155 8.72 -1.41 13.39
C HIS C 155 10.02 -0.61 13.37
N LEU C 156 11.07 -1.16 12.74
CA LEU C 156 12.37 -0.53 12.81
C LEU C 156 12.41 0.64 11.85
N GLN C 157 11.63 0.50 10.78
CA GLN C 157 11.44 1.58 9.81
C GLN C 157 10.53 2.65 10.43
N LYS C 158 11.04 3.88 10.45
CA LYS C 158 10.33 4.99 11.07
C LYS C 158 9.63 5.89 10.05
N ASP C 159 10.00 5.81 8.76
CA ASP C 159 9.56 6.77 7.75
C ASP C 159 8.42 6.19 6.93
N TRP C 160 7.21 6.77 7.08
CA TRP C 160 6.02 6.25 6.40
C TRP C 160 5.35 7.32 5.53
N SER C 161 6.18 8.21 4.96
CA SER C 161 5.71 9.27 4.09
C SER C 161 5.01 8.74 2.84
N ASN C 162 5.15 7.46 2.52
CA ASN C 162 4.56 6.92 1.30
C ASN C 162 3.19 6.33 1.59
N VAL C 163 2.69 6.48 2.83
CA VAL C 163 1.37 5.98 3.15
C VAL C 163 0.36 7.03 2.69
N ARG C 164 -0.67 6.55 2.00
CA ARG C 164 -1.67 7.42 1.39
C ARG C 164 -3.08 6.92 1.71
N VAL C 165 -3.18 5.90 2.56
CA VAL C 165 -4.44 5.43 3.13
C VAL C 165 -4.70 6.13 4.47
N PRO C 166 -5.96 6.51 4.79
CA PRO C 166 -6.27 7.15 6.07
C PRO C 166 -5.88 6.25 7.25
N THR C 167 -5.13 6.82 8.22
CA THR C 167 -4.39 6.06 9.21
C THR C 167 -4.63 6.58 10.63
N MET C 168 -5.13 5.70 11.49
CA MET C 168 -5.26 5.97 12.92
C MET C 168 -4.31 5.05 13.69
N ILE C 169 -3.31 5.66 14.33
CA ILE C 169 -2.35 4.97 15.18
C ILE C 169 -2.81 5.07 16.64
N ILE C 170 -2.95 3.93 17.31
CA ILE C 170 -3.30 3.90 18.72
C ILE C 170 -2.07 3.50 19.54
N GLY C 171 -1.56 4.42 20.36
CA GLY C 171 -0.41 4.17 21.21
C GLY C 171 -0.83 3.85 22.65
N CYS C 172 0.00 3.10 23.37
CA CYS C 172 -0.15 2.94 24.80
C CYS C 172 0.89 3.80 25.55
N GLU C 173 0.46 4.58 26.55
CA GLU C 173 1.32 5.58 27.17
C GLU C 173 2.52 4.95 27.86
N ASN C 174 2.38 3.77 28.48
CA ASN C 174 3.46 3.18 29.27
C ASN C 174 3.93 1.89 28.61
N ASP C 175 4.20 1.96 27.31
CA ASP C 175 4.60 0.77 26.57
C ASP C 175 6.10 0.58 26.75
N THR C 176 6.53 -0.55 27.34
CA THR C 176 7.97 -0.82 27.47
C THR C 176 8.51 -1.58 26.26
N VAL C 177 7.63 -2.12 25.41
CA VAL C 177 8.01 -2.99 24.29
C VAL C 177 8.12 -2.18 22.99
N ALA C 178 7.11 -1.37 22.72
CA ALA C 178 7.06 -0.51 21.56
C ALA C 178 6.82 0.93 22.03
N SER C 179 7.82 1.51 22.69
CA SER C 179 7.62 2.82 23.30
C SER C 179 7.15 3.83 22.25
N VAL C 180 6.10 4.58 22.61
CA VAL C 180 5.41 5.48 21.69
C VAL C 180 6.32 6.58 21.15
N SER C 181 7.31 7.08 21.91
CA SER C 181 8.17 8.15 21.40
C SER C 181 9.13 7.61 20.34
N THR C 182 9.28 6.28 20.32
CA THR C 182 10.28 5.68 19.47
C THR C 182 9.64 4.87 18.33
N HIS C 183 8.33 4.53 18.43
CA HIS C 183 7.57 3.85 17.39
C HIS C 183 6.33 4.66 16.96
N ALA C 184 5.16 4.40 17.58
CA ALA C 184 3.89 4.99 17.18
C ALA C 184 4.00 6.46 16.77
N ILE C 185 4.55 7.29 17.65
CA ILE C 185 4.51 8.72 17.41
C ILE C 185 5.40 9.05 16.21
N ARG C 186 6.48 8.31 16.02
CA ARG C 186 7.40 8.62 14.93
C ARG C 186 6.73 8.22 13.62
N PHE C 187 6.02 7.08 13.64
CA PHE C 187 5.20 6.66 12.52
C PHE C 187 4.21 7.78 12.16
N TYR C 188 3.48 8.31 13.16
CA TYR C 188 2.42 9.28 12.95
C TYR C 188 2.96 10.58 12.36
N GLU C 189 4.08 11.07 12.93
CA GLU C 189 4.62 12.38 12.59
C GLU C 189 5.23 12.36 11.19
N SER C 190 5.41 11.17 10.60
CA SER C 190 6.04 11.03 9.29
C SER C 190 5.02 10.96 8.18
N LEU C 191 3.76 10.65 8.54
CA LEU C 191 2.68 10.58 7.57
C LEU C 191 2.60 11.92 6.84
N PRO C 192 2.06 11.96 5.61
CA PRO C 192 1.93 13.23 4.87
C PRO C 192 1.01 14.21 5.58
N SER C 193 1.26 15.51 5.42
CA SER C 193 0.39 16.57 5.91
C SER C 193 -1.06 16.40 5.43
N SER C 194 -1.23 16.07 4.15
CA SER C 194 -2.56 16.06 3.54
C SER C 194 -3.37 14.83 3.94
N LEU C 195 -2.80 13.88 4.71
CA LEU C 195 -3.48 12.60 4.88
C LEU C 195 -4.43 12.65 6.07
N PRO C 196 -5.70 12.24 5.88
CA PRO C 196 -6.63 12.01 7.01
C PRO C 196 -6.03 11.03 8.01
N LYS C 197 -5.91 11.46 9.26
CA LYS C 197 -5.12 10.71 10.23
C LYS C 197 -5.53 11.06 11.66
N ALA C 198 -5.15 10.17 12.58
CA ALA C 198 -5.25 10.45 14.00
C ALA C 198 -4.23 9.61 14.75
N TYR C 199 -3.73 10.19 15.84
CA TYR C 199 -2.97 9.50 16.85
C TYR C 199 -3.76 9.53 18.16
N LEU C 200 -3.89 8.37 18.78
CA LEU C 200 -4.67 8.24 19.99
C LEU C 200 -3.83 7.47 21.00
N GLU C 201 -3.59 8.07 22.17
CA GLU C 201 -2.73 7.47 23.18
C GLU C 201 -3.52 7.13 24.45
N LEU C 202 -3.60 5.85 24.82
CA LEU C 202 -4.36 5.44 26.00
C LEU C 202 -3.57 5.75 27.26
N ARG C 203 -4.18 6.49 28.21
CA ARG C 203 -3.55 6.84 29.48
C ARG C 203 -3.36 5.60 30.36
N GLY C 204 -2.20 5.47 31.00
CA GLY C 204 -1.99 4.37 31.94
C GLY C 204 -1.79 2.99 31.30
N ALA C 205 -1.87 2.89 29.97
CA ALA C 205 -1.99 1.58 29.33
C ALA C 205 -0.64 0.91 29.09
N ASP C 206 -0.63 -0.43 29.21
CA ASP C 206 0.57 -1.17 28.83
C ASP C 206 0.45 -1.65 27.39
N HIS C 207 1.51 -2.34 26.93
CA HIS C 207 1.64 -2.74 25.54
C HIS C 207 0.56 -3.73 25.12
N PHE C 208 -0.10 -4.37 26.10
CA PHE C 208 -1.04 -5.45 25.84
C PHE C 208 -2.49 -5.01 26.07
N ALA C 209 -2.70 -3.74 26.40
CA ALA C 209 -4.06 -3.20 26.51
C ALA C 209 -4.91 -3.56 25.27
N PRO C 210 -4.39 -3.42 24.02
CA PRO C 210 -5.15 -3.79 22.82
C PRO C 210 -5.61 -5.24 22.71
N ASN C 211 -5.08 -6.11 23.58
CA ASN C 211 -5.29 -7.55 23.44
C ASN C 211 -6.44 -8.02 24.31
N ARG C 212 -7.11 -7.05 24.99
CA ARG C 212 -8.22 -7.38 25.87
C ARG C 212 -9.30 -6.30 25.74
N PRO C 213 -10.59 -6.64 25.96
CA PRO C 213 -11.69 -5.74 25.58
C PRO C 213 -11.40 -4.37 26.11
N ASN C 214 -11.65 -3.35 25.28
CA ASN C 214 -11.26 -1.98 25.59
C ASN C 214 -12.19 -1.04 24.87
N THR C 215 -13.08 -0.34 25.58
CA THR C 215 -14.16 0.32 24.87
C THR C 215 -13.65 1.62 24.20
N THR C 216 -12.59 2.26 24.72
CA THR C 216 -12.02 3.42 24.05
C THR C 216 -11.46 3.05 22.66
N ILE C 217 -10.68 1.96 22.56
CA ILE C 217 -10.19 1.45 21.29
C ILE C 217 -11.37 1.16 20.35
N ALA C 218 -12.34 0.36 20.82
CA ALA C 218 -13.49 -0.03 20.02
C ALA C 218 -14.26 1.18 19.48
N LYS C 219 -14.55 2.17 20.34
CA LYS C 219 -15.30 3.32 19.87
C LYS C 219 -14.58 3.98 18.69
N TYR C 220 -13.27 4.20 18.80
CA TYR C 220 -12.60 5.00 17.78
C TYR C 220 -12.29 4.16 16.54
N VAL C 221 -12.04 2.86 16.75
CA VAL C 221 -11.81 1.93 15.66
C VAL C 221 -13.07 1.90 14.81
N ILE C 222 -14.24 1.76 15.45
CA ILE C 222 -15.48 1.60 14.70
C ILE C 222 -15.75 2.88 13.91
N ALA C 223 -15.54 4.03 14.54
CA ALA C 223 -15.76 5.32 13.89
C ALA C 223 -14.81 5.54 12.71
N TRP C 224 -13.55 5.17 12.84
CA TRP C 224 -12.61 5.34 11.74
C TRP C 224 -13.00 4.44 10.57
N LEU C 225 -13.30 3.17 10.89
CA LEU C 225 -13.71 2.19 9.91
C LEU C 225 -14.97 2.69 9.19
N LYS C 226 -15.97 3.14 9.95
CA LYS C 226 -17.20 3.63 9.36
C LYS C 226 -16.91 4.84 8.47
N ARG C 227 -16.19 5.83 9.01
CA ARG C 227 -15.95 7.06 8.27
C ARG C 227 -15.29 6.77 6.92
N PHE C 228 -14.27 5.89 6.89
CA PHE C 228 -13.48 5.71 5.68
C PHE C 228 -13.87 4.46 4.87
N VAL C 229 -14.23 3.34 5.50
CA VAL C 229 -14.53 2.14 4.73
C VAL C 229 -15.92 2.30 4.13
N ASP C 230 -16.87 2.72 4.97
CA ASP C 230 -18.26 2.90 4.58
C ASP C 230 -18.49 4.33 4.06
N GLU C 231 -17.47 5.21 4.05
CA GLU C 231 -17.62 6.58 3.55
C GLU C 231 -18.72 7.35 4.31
N ASP C 232 -19.03 6.90 5.53
CA ASP C 232 -20.24 7.24 6.27
C ASP C 232 -20.02 8.49 7.13
N GLU C 233 -20.61 9.64 6.75
CA GLU C 233 -20.40 10.91 7.46
C GLU C 233 -21.12 10.95 8.82
N ARG C 234 -22.03 9.99 9.07
CA ARG C 234 -22.73 9.95 10.34
C ARG C 234 -21.76 9.77 11.52
N TYR C 235 -20.58 9.15 11.30
CA TYR C 235 -19.66 8.82 12.38
C TYR C 235 -18.56 9.87 12.59
N GLU C 236 -18.58 10.94 11.79
CA GLU C 236 -17.64 12.05 11.91
C GLU C 236 -17.76 12.69 13.29
N GLN C 237 -18.96 12.68 13.88
CA GLN C 237 -19.24 13.30 15.18
C GLN C 237 -18.42 12.71 16.31
N PHE C 238 -18.03 11.41 16.22
CA PHE C 238 -17.20 10.74 17.22
C PHE C 238 -15.71 11.06 17.06
N LEU C 239 -15.28 11.54 15.88
CA LEU C 239 -13.88 11.78 15.57
C LEU C 239 -13.55 13.26 15.74
N CYS C 240 -14.56 14.12 15.54
CA CYS C 240 -14.39 15.57 15.61
C CYS C 240 -15.62 16.17 16.28
N PRO C 241 -15.47 16.94 17.37
CA PRO C 241 -14.15 17.43 17.81
C PRO C 241 -13.37 16.35 18.56
N PRO C 242 -12.06 16.56 18.83
CA PRO C 242 -11.25 15.54 19.52
C PRO C 242 -11.77 15.35 20.93
N PRO C 243 -11.35 14.28 21.66
CA PRO C 243 -11.70 14.14 23.06
C PRO C 243 -10.75 14.84 24.05
N ASP C 244 -11.16 15.00 25.31
CA ASP C 244 -10.29 15.58 26.32
C ASP C 244 -9.21 14.57 26.71
N THR C 245 -8.01 15.12 26.93
CA THR C 245 -6.80 14.40 27.29
C THR C 245 -6.41 14.70 28.75
N GLY C 246 -7.39 14.99 29.62
CA GLY C 246 -7.06 15.40 30.98
C GLY C 246 -6.44 14.29 31.82
N LEU C 247 -6.02 14.63 33.05
CA LEU C 247 -5.35 13.71 33.97
C LEU C 247 -6.27 12.51 34.23
N PHE C 248 -7.59 12.71 34.12
CA PHE C 248 -8.56 11.70 34.52
C PHE C 248 -9.41 11.20 33.36
N SER C 249 -8.89 11.35 32.13
CA SER C 249 -9.53 10.78 30.94
C SER C 249 -8.84 9.47 30.54
N ASP C 250 -9.46 8.72 29.60
CA ASP C 250 -8.87 7.50 29.09
C ASP C 250 -7.70 7.80 28.16
N PHE C 251 -7.49 9.09 27.81
CA PHE C 251 -6.45 9.52 26.89
C PHE C 251 -5.34 10.30 27.61
N SER C 252 -4.08 10.06 27.21
CA SER C 252 -2.97 10.86 27.67
C SER C 252 -2.47 11.78 26.58
N ASP C 253 -3.00 11.62 25.35
CA ASP C 253 -2.68 12.46 24.19
C ASP C 253 -3.67 12.13 23.07
N TYR C 254 -3.90 13.08 22.17
CA TYR C 254 -4.72 12.84 20.98
C TYR C 254 -4.35 13.89 19.93
N ARG C 255 -3.97 13.42 18.73
CA ARG C 255 -3.59 14.27 17.61
C ARG C 255 -4.54 13.99 16.44
N ASP C 256 -4.95 15.03 15.71
CA ASP C 256 -6.06 14.89 14.78
C ASP C 256 -5.76 15.69 13.51
N SER C 257 -6.58 15.52 12.47
CA SER C 257 -6.49 16.37 11.29
C SER C 257 -7.90 16.88 10.96
N CYS C 258 -8.63 17.32 12.00
CA CYS C 258 -10.03 17.73 11.90
C CYS C 258 -10.16 19.07 11.16
N PRO C 259 -11.21 19.29 10.33
CA PRO C 259 -11.64 20.65 9.98
C PRO C 259 -11.95 21.51 11.21
N SER D 1 -44.01 -7.59 45.00
CA SER D 1 -43.24 -6.57 44.25
C SER D 1 -41.87 -6.41 44.89
N ASN D 2 -41.09 -5.48 44.33
CA ASN D 2 -39.98 -4.84 45.00
C ASN D 2 -40.15 -3.34 44.83
N PRO D 3 -40.54 -2.60 45.90
CA PRO D 3 -40.83 -1.16 45.77
C PRO D 3 -39.61 -0.30 45.44
N TYR D 4 -38.42 -0.91 45.53
CA TYR D 4 -37.15 -0.19 45.40
C TYR D 4 -36.59 -0.28 43.98
N GLU D 5 -37.20 -1.08 43.10
CA GLU D 5 -36.71 -1.23 41.72
C GLU D 5 -36.90 0.07 40.95
N ARG D 6 -35.89 0.47 40.17
CA ARG D 6 -35.98 1.68 39.37
C ARG D 6 -35.53 1.38 37.94
N GLY D 7 -36.22 2.01 36.97
CA GLY D 7 -35.86 1.96 35.57
C GLY D 7 -36.17 0.62 34.89
N PRO D 8 -36.12 0.60 33.54
CA PRO D 8 -36.34 -0.63 32.76
C PRO D 8 -35.46 -1.81 33.12
N ASP D 9 -35.95 -3.02 32.82
CA ASP D 9 -35.20 -4.24 32.97
C ASP D 9 -33.85 -4.01 32.31
N PRO D 10 -32.73 -4.52 32.90
CA PRO D 10 -31.41 -4.21 32.39
C PRO D 10 -30.94 -5.23 31.37
N THR D 11 -30.03 -4.82 30.48
CA THR D 11 -29.29 -5.73 29.62
C THR D 11 -27.79 -5.46 29.80
N GLU D 12 -26.97 -6.30 29.17
CA GLU D 12 -25.53 -6.10 29.12
C GLU D 12 -25.18 -4.76 28.46
N SER D 13 -25.96 -4.34 27.46
CA SER D 13 -25.80 -3.01 26.87
C SER D 13 -26.03 -1.91 27.91
N SER D 14 -27.07 -2.07 28.75
CA SER D 14 -27.53 -0.99 29.60
C SER D 14 -26.65 -0.82 30.85
N VAL D 15 -26.05 -1.90 31.39
CA VAL D 15 -25.19 -1.76 32.56
C VAL D 15 -23.80 -1.25 32.17
N THR D 16 -23.41 -1.42 30.91
CA THR D 16 -22.10 -1.04 30.44
C THR D 16 -22.08 0.36 29.83
N ALA D 17 -23.24 0.93 29.55
CA ALA D 17 -23.26 2.24 28.92
C ALA D 17 -22.84 3.31 29.92
N SER D 18 -22.33 4.43 29.39
CA SER D 18 -21.84 5.52 30.21
C SER D 18 -22.99 6.30 30.85
N ARG D 19 -24.19 6.16 30.28
CA ARG D 19 -25.39 6.81 30.82
C ARG D 19 -26.51 5.80 30.90
N GLY D 20 -27.13 5.72 32.07
CA GLY D 20 -28.32 4.91 32.21
C GLY D 20 -29.55 5.69 31.79
N PRO D 21 -30.74 5.19 32.16
CA PRO D 21 -31.98 5.81 31.69
C PRO D 21 -32.39 7.12 32.38
N PHE D 22 -31.77 7.52 33.48
CA PHE D 22 -32.22 8.73 34.16
C PHE D 22 -31.36 9.92 33.75
N ALA D 23 -31.99 11.00 33.33
CA ALA D 23 -31.32 12.29 33.27
C ALA D 23 -30.90 12.63 34.70
N THR D 24 -29.82 13.42 34.85
CA THR D 24 -29.27 13.80 36.14
C THR D 24 -28.84 15.26 36.11
N THR D 25 -28.59 15.83 37.31
CA THR D 25 -28.01 17.15 37.47
C THR D 25 -27.17 17.11 38.76
N THR D 26 -26.57 18.26 39.16
CA THR D 26 -25.67 18.31 40.31
C THR D 26 -25.96 19.47 41.27
N ASP D 27 -25.57 19.30 42.55
CA ASP D 27 -25.43 20.37 43.52
C ASP D 27 -24.01 20.34 44.11
N SER D 28 -23.40 21.52 44.30
CA SER D 28 -22.16 21.67 45.07
C SER D 28 -22.47 21.84 46.55
N VAL D 29 -21.71 21.15 47.39
CA VAL D 29 -21.69 21.39 48.82
C VAL D 29 -20.35 22.03 49.15
N SER D 30 -20.36 23.22 49.75
CA SER D 30 -19.12 23.92 50.03
C SER D 30 -18.29 23.16 51.06
N SER D 31 -16.99 23.46 51.10
CA SER D 31 -16.06 22.84 52.04
C SER D 31 -16.28 23.34 53.48
N LEU D 32 -17.11 24.39 53.65
CA LEU D 32 -17.38 24.96 54.96
C LEU D 32 -18.22 24.01 55.80
N VAL D 33 -18.89 23.04 55.19
CA VAL D 33 -19.58 22.00 55.95
C VAL D 33 -18.61 21.34 56.93
N SER D 34 -19.18 20.77 57.99
CA SER D 34 -18.41 20.09 59.00
C SER D 34 -18.47 18.58 58.82
N GLY D 35 -17.35 17.92 59.19
CA GLY D 35 -17.18 16.48 59.21
C GLY D 35 -16.35 16.00 58.02
N PHE D 36 -16.19 16.87 57.00
CA PHE D 36 -15.59 16.56 55.71
C PHE D 36 -15.45 17.85 54.90
N GLY D 37 -14.91 17.75 53.68
CA GLY D 37 -14.44 18.90 52.91
C GLY D 37 -15.35 19.24 51.72
N GLY D 38 -16.62 18.88 51.84
CA GLY D 38 -17.63 19.26 50.85
C GLY D 38 -17.68 18.25 49.72
N GLY D 39 -18.32 18.62 48.61
CA GLY D 39 -18.32 17.76 47.44
C GLY D 39 -19.39 18.15 46.44
N THR D 40 -19.74 17.20 45.56
CA THR D 40 -20.69 17.37 44.48
C THR D 40 -21.69 16.24 44.60
N ILE D 41 -22.99 16.58 44.49
CA ILE D 41 -24.06 15.59 44.58
C ILE D 41 -24.70 15.48 43.21
N TYR D 42 -24.73 14.24 42.70
CA TYR D 42 -25.28 13.89 41.41
C TYR D 42 -26.56 13.10 41.65
N TYR D 43 -27.67 13.54 41.03
CA TYR D 43 -28.95 12.93 41.35
C TYR D 43 -29.87 12.90 40.12
N PRO D 44 -30.80 11.92 40.06
CA PRO D 44 -31.82 11.88 39.01
C PRO D 44 -32.87 12.98 39.19
N THR D 45 -33.27 13.65 38.10
CA THR D 45 -34.26 14.73 38.13
C THR D 45 -35.69 14.19 38.21
N ASP D 46 -35.90 12.93 37.80
CA ASP D 46 -37.22 12.31 37.77
C ASP D 46 -37.59 11.68 39.13
N THR D 47 -38.62 12.28 39.78
CA THR D 47 -39.13 11.85 41.07
C THR D 47 -40.31 10.90 40.92
N SER D 48 -40.73 10.62 39.68
CA SER D 48 -41.94 9.85 39.41
C SER D 48 -41.89 8.44 40.00
N GLU D 49 -40.70 7.82 40.14
CA GLU D 49 -40.63 6.43 40.55
C GLU D 49 -40.33 6.30 42.05
N GLY D 50 -40.18 7.44 42.75
CA GLY D 50 -39.94 7.46 44.20
C GLY D 50 -38.54 7.95 44.56
N THR D 51 -38.11 7.60 45.79
CA THR D 51 -36.81 8.00 46.28
C THR D 51 -35.78 6.95 45.85
N PHE D 52 -34.50 7.35 45.92
CA PHE D 52 -33.39 6.52 45.52
C PHE D 52 -32.41 6.25 46.68
N GLY D 53 -31.67 5.15 46.61
CA GLY D 53 -30.55 4.87 47.52
C GLY D 53 -29.46 5.95 47.40
N GLY D 54 -28.67 6.09 48.47
CA GLY D 54 -27.64 7.12 48.54
C GLY D 54 -26.25 6.48 48.59
N VAL D 55 -25.31 7.07 47.84
CA VAL D 55 -23.95 6.53 47.76
C VAL D 55 -22.96 7.66 48.01
N VAL D 56 -21.98 7.39 48.87
CA VAL D 56 -20.89 8.34 49.09
C VAL D 56 -19.60 7.71 48.61
N ILE D 57 -18.85 8.46 47.79
CA ILE D 57 -17.59 8.03 47.20
C ILE D 57 -16.48 8.96 47.73
N ALA D 58 -15.40 8.36 48.27
CA ALA D 58 -14.28 9.12 48.79
C ALA D 58 -13.01 8.94 47.96
N PRO D 59 -12.19 10.01 47.79
CA PRO D 59 -10.96 9.95 47.00
C PRO D 59 -9.86 9.32 47.82
N GLY D 60 -8.72 9.09 47.17
CA GLY D 60 -7.55 8.52 47.82
C GLY D 60 -6.52 9.59 48.20
N TYR D 61 -5.37 9.08 48.65
CA TYR D 61 -4.28 9.90 49.15
C TYR D 61 -3.86 10.97 48.16
N THR D 62 -3.80 12.25 48.59
CA THR D 62 -3.35 13.39 47.78
C THR D 62 -4.43 13.88 46.80
N ALA D 63 -5.55 13.16 46.63
CA ALA D 63 -6.54 13.51 45.61
C ALA D 63 -7.77 14.27 46.13
N THR D 64 -8.55 14.79 45.18
CA THR D 64 -9.83 15.43 45.46
C THR D 64 -10.92 14.68 44.71
N GLN D 65 -12.13 15.25 44.71
CA GLN D 65 -13.26 14.60 44.05
C GLN D 65 -13.06 14.50 42.53
N SER D 66 -12.15 15.30 41.94
CA SER D 66 -11.95 15.19 40.50
C SER D 66 -11.38 13.83 40.12
N SER D 67 -10.81 13.09 41.07
CA SER D 67 -10.25 11.78 40.79
C SER D 67 -11.31 10.70 40.73
N ILE D 68 -12.54 11.00 41.12
CA ILE D 68 -13.60 10.01 41.21
C ILE D 68 -14.84 10.52 40.50
N ALA D 69 -14.73 11.68 39.84
CA ALA D 69 -15.87 12.38 39.26
C ALA D 69 -16.60 11.53 38.22
N TRP D 70 -15.88 10.70 37.47
CA TRP D 70 -16.47 10.04 36.31
C TRP D 70 -17.62 9.12 36.75
N MET D 71 -17.57 8.71 38.04
CA MET D 71 -18.53 7.80 38.65
C MET D 71 -19.83 8.53 39.03
N GLY D 72 -19.79 9.87 39.03
CA GLY D 72 -20.90 10.71 39.46
C GLY D 72 -22.14 10.53 38.60
N HIS D 73 -22.10 11.04 37.36
CA HIS D 73 -23.21 10.88 36.41
C HIS D 73 -23.40 9.42 36.00
N ARG D 74 -22.34 8.62 35.96
CA ARG D 74 -22.40 7.26 35.43
C ARG D 74 -23.19 6.35 36.37
N ILE D 75 -22.99 6.48 37.68
CA ILE D 75 -23.76 5.72 38.64
C ILE D 75 -25.13 6.38 38.84
N ALA D 76 -25.18 7.71 38.97
CA ALA D 76 -26.42 8.38 39.34
C ALA D 76 -27.51 8.14 38.30
N SER D 77 -27.15 8.18 37.02
CA SER D 77 -28.10 7.98 35.94
C SER D 77 -28.62 6.53 35.83
N GLN D 78 -28.08 5.59 36.60
CA GLN D 78 -28.72 4.28 36.69
C GLN D 78 -29.78 4.25 37.78
N GLY D 79 -29.99 5.37 38.50
CA GLY D 79 -31.01 5.45 39.54
C GLY D 79 -30.47 5.43 40.98
N PHE D 80 -29.64 6.46 41.29
CA PHE D 80 -28.99 6.62 42.57
C PHE D 80 -28.62 8.08 42.84
N VAL D 81 -28.57 8.48 44.12
CA VAL D 81 -28.01 9.77 44.48
C VAL D 81 -26.57 9.57 44.95
N VAL D 82 -25.63 10.25 44.26
CA VAL D 82 -24.22 9.92 44.37
C VAL D 82 -23.44 11.18 44.75
N PHE D 83 -22.57 11.03 45.77
CA PHE D 83 -21.93 12.14 46.45
C PHE D 83 -20.43 11.88 46.51
N THR D 84 -19.71 12.50 45.58
CA THR D 84 -18.26 12.49 45.56
C THR D 84 -17.78 13.59 46.50
N ILE D 85 -16.89 13.25 47.46
CA ILE D 85 -16.49 14.18 48.50
C ILE D 85 -15.02 14.53 48.33
N ASP D 86 -14.63 15.70 48.86
CA ASP D 86 -13.26 16.00 49.27
C ASP D 86 -13.13 15.70 50.77
N THR D 87 -11.98 15.15 51.17
CA THR D 87 -11.71 14.96 52.59
C THR D 87 -11.25 16.30 53.16
N ASN D 88 -11.10 16.36 54.50
CA ASN D 88 -10.67 17.58 55.15
C ASN D 88 -9.33 18.05 54.58
N THR D 89 -8.31 17.19 54.65
CA THR D 89 -7.05 17.38 53.95
C THR D 89 -6.82 16.23 52.97
N ARG D 90 -6.04 16.55 51.93
CA ARG D 90 -5.41 15.56 51.08
C ARG D 90 -4.66 14.47 51.86
N TYR D 91 -4.28 14.72 53.11
CA TYR D 91 -3.30 13.84 53.75
C TYR D 91 -3.97 12.93 54.78
N ASP D 92 -5.31 12.90 54.80
CA ASP D 92 -6.03 12.21 55.86
C ASP D 92 -5.80 10.69 55.75
N GLN D 93 -5.51 10.08 56.88
CA GLN D 93 -5.37 8.65 57.06
C GLN D 93 -6.68 7.92 56.70
N PRO D 94 -6.63 6.62 56.33
CA PRO D 94 -7.84 5.78 56.13
C PRO D 94 -8.96 5.82 57.16
N ASP D 95 -8.67 5.61 58.46
CA ASP D 95 -9.77 5.57 59.41
C ASP D 95 -10.44 6.93 59.46
N SER D 96 -9.68 8.01 59.23
CA SER D 96 -10.24 9.35 59.34
C SER D 96 -11.22 9.61 58.21
N ARG D 97 -10.81 9.27 56.97
CA ARG D 97 -11.76 9.10 55.88
C ARG D 97 -12.65 7.97 56.37
N GLY D 98 -13.91 7.93 56.06
CA GLY D 98 -14.57 6.84 56.75
C GLY D 98 -15.35 7.41 57.92
N ARG D 99 -14.69 8.00 58.93
CA ARG D 99 -15.38 8.89 59.90
C ARG D 99 -16.02 10.04 59.03
N GLN D 100 -15.30 10.52 58.01
CA GLN D 100 -15.79 11.56 57.11
C GLN D 100 -16.83 11.03 56.11
N ILE D 101 -16.66 9.80 55.63
CA ILE D 101 -17.67 9.24 54.73
C ILE D 101 -19.03 9.25 55.45
N LEU D 102 -19.06 8.85 56.72
CA LEU D 102 -20.29 8.79 57.51
C LEU D 102 -20.87 10.19 57.71
N ALA D 103 -20.01 11.16 58.03
CA ALA D 103 -20.45 12.54 58.16
C ALA D 103 -21.16 13.00 56.88
N ALA D 104 -20.62 12.64 55.70
CA ALA D 104 -21.20 13.05 54.43
C ALA D 104 -22.49 12.31 54.14
N LEU D 105 -22.62 11.05 54.58
CA LEU D 105 -23.87 10.31 54.47
C LEU D 105 -24.96 11.05 55.26
N ASP D 106 -24.67 11.33 56.54
CA ASP D 106 -25.57 12.06 57.41
C ASP D 106 -25.85 13.47 56.83
N TYR D 107 -24.84 14.15 56.28
CA TYR D 107 -25.13 15.44 55.68
C TYR D 107 -26.15 15.27 54.54
N LEU D 108 -25.90 14.26 53.70
CA LEU D 108 -26.73 14.05 52.52
C LEU D 108 -28.17 13.77 52.90
N THR D 109 -28.40 12.92 53.93
CA THR D 109 -29.75 12.51 54.33
C THR D 109 -30.40 13.52 55.29
N GLN D 110 -29.64 14.21 56.14
CA GLN D 110 -30.23 15.08 57.15
C GLN D 110 -30.28 16.55 56.72
N GLN D 111 -29.47 17.01 55.77
CA GLN D 111 -29.39 18.45 55.62
C GLN D 111 -29.35 18.92 54.18
N SER D 112 -28.99 18.04 53.23
CA SER D 112 -28.64 18.52 51.90
C SER D 112 -29.89 19.01 51.18
N PRO D 113 -29.75 19.89 50.17
CA PRO D 113 -30.91 20.28 49.35
C PRO D 113 -31.67 19.12 48.69
N VAL D 114 -31.16 17.89 48.75
CA VAL D 114 -31.80 16.81 47.99
C VAL D 114 -32.07 15.63 48.92
N ARG D 115 -32.19 15.91 50.23
CA ARG D 115 -32.53 14.88 51.20
C ARG D 115 -33.89 14.28 50.87
N ASP D 116 -34.75 15.10 50.26
CA ASP D 116 -36.02 14.68 49.68
C ASP D 116 -35.94 13.40 48.86
N ARG D 117 -34.82 13.18 48.15
CA ARG D 117 -34.74 12.23 47.05
C ARG D 117 -34.05 10.92 47.43
N VAL D 118 -33.67 10.82 48.72
CA VAL D 118 -32.78 9.78 49.19
C VAL D 118 -33.51 8.99 50.27
N ASP D 119 -33.72 7.70 50.04
CA ASP D 119 -34.20 6.84 51.10
C ASP D 119 -33.08 6.73 52.11
N PRO D 120 -33.21 7.34 53.32
CA PRO D 120 -32.17 7.25 54.32
C PRO D 120 -31.94 5.85 54.89
N ASN D 121 -32.76 4.87 54.48
CA ASN D 121 -32.58 3.52 55.01
C ASN D 121 -31.82 2.63 54.04
N ARG D 122 -31.31 3.22 52.95
CA ARG D 122 -30.72 2.45 51.86
C ARG D 122 -29.52 3.21 51.28
N LEU D 123 -28.32 2.87 51.79
CA LEU D 123 -27.15 3.70 51.57
C LEU D 123 -25.96 2.78 51.32
N ALA D 124 -25.01 3.25 50.49
CA ALA D 124 -23.75 2.54 50.29
C ALA D 124 -22.57 3.49 50.40
N VAL D 125 -21.38 2.88 50.56
CA VAL D 125 -20.11 3.58 50.64
C VAL D 125 -19.11 2.98 49.64
N MET D 126 -18.23 3.85 49.13
CA MET D 126 -17.20 3.53 48.14
C MET D 126 -16.03 4.51 48.28
N GLY D 127 -14.84 4.06 47.89
CA GLY D 127 -13.74 4.99 47.72
C GLY D 127 -12.49 4.34 47.14
N HIS D 128 -11.50 5.18 46.82
CA HIS D 128 -10.29 4.73 46.18
C HIS D 128 -9.11 4.86 47.15
N CYS D 129 -8.18 3.89 47.13
CA CYS D 129 -6.92 4.05 47.86
C CYS D 129 -7.29 4.10 49.35
N MET D 130 -6.86 5.16 50.06
CA MET D 130 -7.18 5.31 51.47
C MET D 130 -8.66 5.59 51.68
N GLY D 131 -9.31 6.26 50.72
CA GLY D 131 -10.75 6.28 50.64
C GLY D 131 -11.37 4.89 50.70
N GLY D 132 -10.66 3.89 50.16
CA GLY D 132 -11.19 2.54 50.13
C GLY D 132 -11.01 1.91 51.50
N GLY D 133 -9.86 2.18 52.11
CA GLY D 133 -9.64 1.80 53.48
C GLY D 133 -10.77 2.35 54.35
N GLY D 134 -11.13 3.60 54.09
CA GLY D 134 -12.15 4.31 54.86
C GLY D 134 -13.56 3.77 54.59
N THR D 135 -13.79 3.32 53.36
CA THR D 135 -14.97 2.55 53.00
C THR D 135 -15.11 1.36 53.96
N LEU D 136 -14.00 0.66 54.26
CA LEU D 136 -14.03 -0.51 55.13
C LEU D 136 -14.41 -0.10 56.56
N ARG D 137 -13.80 0.98 57.05
CA ARG D 137 -14.08 1.54 58.38
C ARG D 137 -15.51 2.03 58.52
N ALA D 138 -16.08 2.64 57.48
CA ALA D 138 -17.45 3.13 57.57
C ALA D 138 -18.41 1.94 57.62
N ALA D 139 -18.07 0.87 56.89
CA ALA D 139 -18.90 -0.32 56.86
C ALA D 139 -18.92 -0.97 58.24
N GLU D 140 -17.75 -1.11 58.88
CA GLU D 140 -17.65 -1.81 60.15
C GLU D 140 -18.40 -1.02 61.22
N ASN D 141 -18.40 0.31 61.11
CA ASN D 141 -19.08 1.16 62.07
C ASN D 141 -20.59 1.04 61.93
N ARG D 142 -21.13 1.14 60.69
CA ARG D 142 -22.57 1.07 60.45
C ARG D 142 -22.99 -0.19 59.69
N PRO D 143 -23.32 -1.31 60.40
CA PRO D 143 -23.89 -2.49 59.75
C PRO D 143 -25.24 -2.34 59.06
N SER D 144 -25.94 -1.22 59.28
CA SER D 144 -27.16 -0.92 58.56
C SER D 144 -26.90 -0.57 57.07
N LEU D 145 -25.66 -0.30 56.68
CA LEU D 145 -25.35 0.08 55.30
C LEU D 145 -25.61 -1.10 54.36
N LYS D 146 -26.00 -0.82 53.12
CA LYS D 146 -26.44 -1.88 52.22
C LYS D 146 -25.26 -2.47 51.46
N ALA D 147 -24.33 -1.62 51.03
CA ALA D 147 -23.20 -2.09 50.25
C ALA D 147 -21.95 -1.26 50.53
N ALA D 148 -20.80 -1.90 50.25
CA ALA D 148 -19.48 -1.31 50.39
C ALA D 148 -18.59 -1.71 49.23
N ILE D 149 -18.00 -0.73 48.52
CA ILE D 149 -17.14 -1.03 47.39
C ILE D 149 -15.78 -0.29 47.48
N PRO D 150 -14.74 -0.88 48.10
CA PRO D 150 -13.40 -0.31 48.01
C PRO D 150 -12.74 -0.54 46.65
N LEU D 151 -12.14 0.51 46.08
CA LEU D 151 -11.42 0.45 44.80
C LEU D 151 -9.94 0.66 45.04
N ALA D 152 -9.13 -0.36 44.74
CA ALA D 152 -7.69 -0.33 45.00
C ALA D 152 -7.41 0.14 46.42
N PRO D 153 -7.98 -0.54 47.44
CA PRO D 153 -7.93 -0.06 48.81
C PRO D 153 -6.53 -0.12 49.39
N TRP D 154 -6.22 0.91 50.20
CA TRP D 154 -5.05 0.96 51.08
C TRP D 154 -5.46 1.10 52.55
N HIS D 155 -4.80 0.32 53.42
CA HIS D 155 -5.03 0.35 54.85
C HIS D 155 -4.05 -0.58 55.56
N LEU D 156 -3.47 -0.14 56.69
CA LEU D 156 -2.51 -0.93 57.44
C LEU D 156 -3.24 -2.02 58.23
N GLN D 157 -4.50 -1.73 58.61
CA GLN D 157 -5.37 -2.74 59.21
C GLN D 157 -5.83 -3.75 58.16
N LYS D 158 -5.58 -5.02 58.46
CA LYS D 158 -5.76 -6.10 57.49
C LYS D 158 -6.99 -6.92 57.83
N ASP D 159 -7.41 -6.91 59.11
CA ASP D 159 -8.47 -7.78 59.61
C ASP D 159 -9.81 -7.06 59.59
N TRP D 160 -10.67 -7.41 58.62
CA TRP D 160 -12.01 -6.84 58.57
C TRP D 160 -13.10 -7.87 58.87
N SER D 161 -12.85 -8.73 59.85
CA SER D 161 -13.78 -9.78 60.21
C SER D 161 -15.07 -9.20 60.81
N ASN D 162 -15.08 -7.93 61.20
CA ASN D 162 -16.25 -7.33 61.83
C ASN D 162 -17.08 -6.56 60.79
N VAL D 163 -16.72 -6.70 59.50
CA VAL D 163 -17.54 -6.11 58.45
C VAL D 163 -18.73 -7.05 58.23
N ARG D 164 -19.93 -6.47 58.30
CA ARG D 164 -21.16 -7.22 58.11
C ARG D 164 -22.00 -6.59 57.02
N VAL D 165 -21.36 -5.78 56.16
CA VAL D 165 -21.99 -5.20 54.98
C VAL D 165 -21.49 -5.89 53.71
N PRO D 166 -22.39 -6.23 52.75
CA PRO D 166 -21.98 -6.79 51.46
C PRO D 166 -20.92 -5.95 50.76
N THR D 167 -19.75 -6.58 50.54
CA THR D 167 -18.55 -5.86 50.14
C THR D 167 -17.99 -6.45 48.86
N MET D 168 -17.84 -5.61 47.84
CA MET D 168 -17.12 -5.92 46.61
C MET D 168 -15.82 -5.12 46.61
N ILE D 169 -14.68 -5.82 46.65
CA ILE D 169 -13.36 -5.19 46.61
C ILE D 169 -12.78 -5.28 45.20
N ILE D 170 -12.43 -4.13 44.62
CA ILE D 170 -11.83 -4.12 43.30
C ILE D 170 -10.33 -3.85 43.42
N GLY D 171 -9.53 -4.79 42.94
CA GLY D 171 -8.08 -4.67 42.91
C GLY D 171 -7.54 -4.33 41.52
N CYS D 172 -6.32 -3.81 41.48
CA CYS D 172 -5.61 -3.71 40.22
C CYS D 172 -4.36 -4.59 40.22
N GLU D 173 -4.19 -5.34 39.15
CA GLU D 173 -3.16 -6.37 39.11
C GLU D 173 -1.78 -5.78 39.40
N ASN D 174 -1.39 -4.68 38.74
CA ASN D 174 -0.01 -4.20 38.85
C ASN D 174 0.03 -2.93 39.68
N ASP D 175 -0.66 -2.94 40.83
CA ASP D 175 -0.66 -1.84 41.77
C ASP D 175 0.66 -1.87 42.54
N THR D 176 1.52 -0.86 42.28
CA THR D 176 2.78 -0.65 42.99
C THR D 176 2.57 0.16 44.28
N VAL D 177 1.38 0.77 44.48
CA VAL D 177 1.08 1.66 45.61
C VAL D 177 0.34 0.92 46.72
N ALA D 178 -0.64 0.10 46.34
CA ALA D 178 -1.48 -0.66 47.27
C ALA D 178 -1.67 -2.08 46.73
N SER D 179 -0.58 -2.84 46.83
CA SER D 179 -0.44 -4.11 46.14
C SER D 179 -1.52 -5.07 46.65
N VAL D 180 -2.12 -5.79 45.71
CA VAL D 180 -3.28 -6.58 45.99
C VAL D 180 -2.92 -7.69 46.98
N SER D 181 -1.70 -8.25 46.90
CA SER D 181 -1.35 -9.36 47.78
C SER D 181 -1.29 -8.90 49.24
N THR D 182 -1.08 -7.60 49.43
CA THR D 182 -0.79 -7.06 50.74
C THR D 182 -1.92 -6.12 51.24
N HIS D 183 -2.83 -5.66 50.34
CA HIS D 183 -4.03 -4.90 50.72
C HIS D 183 -5.34 -5.59 50.30
N ALA D 184 -5.79 -5.38 49.07
CA ALA D 184 -7.14 -5.79 48.64
C ALA D 184 -7.42 -7.23 49.03
N ILE D 185 -6.55 -8.14 48.63
CA ILE D 185 -6.83 -9.56 48.79
C ILE D 185 -6.86 -9.92 50.27
N ARG D 186 -6.05 -9.24 51.10
CA ARG D 186 -5.99 -9.57 52.50
C ARG D 186 -7.26 -9.14 53.19
N PHE D 187 -7.77 -7.97 52.78
CA PHE D 187 -9.02 -7.41 53.27
C PHE D 187 -10.14 -8.40 52.94
N TYR D 188 -10.12 -8.90 51.71
CA TYR D 188 -11.19 -9.77 51.24
C TYR D 188 -11.18 -11.12 51.96
N GLU D 189 -9.98 -11.67 52.15
CA GLU D 189 -9.83 -13.00 52.70
C GLU D 189 -10.15 -12.99 54.20
N SER D 190 -10.36 -11.81 54.79
CA SER D 190 -10.63 -11.68 56.21
C SER D 190 -12.11 -11.47 56.49
N LEU D 191 -12.90 -11.17 55.45
CA LEU D 191 -14.32 -10.91 55.61
C LEU D 191 -15.00 -12.18 56.14
N PRO D 192 -16.09 -12.08 56.92
CA PRO D 192 -16.80 -13.28 57.39
C PRO D 192 -17.20 -14.16 56.22
N SER D 193 -17.09 -15.48 56.35
CA SER D 193 -17.41 -16.29 55.19
C SER D 193 -18.92 -16.30 54.91
N SER D 194 -19.77 -16.00 55.90
CA SER D 194 -21.22 -15.87 55.71
C SER D 194 -21.59 -14.70 54.79
N LEU D 195 -20.65 -13.81 54.43
CA LEU D 195 -21.01 -12.48 53.95
C LEU D 195 -21.05 -12.43 52.42
N PRO D 196 -22.13 -11.87 51.83
CA PRO D 196 -22.18 -11.62 50.39
C PRO D 196 -21.01 -10.72 50.02
N LYS D 197 -20.15 -11.19 49.09
CA LYS D 197 -18.90 -10.51 48.79
C LYS D 197 -18.34 -10.92 47.44
N ALA D 198 -17.35 -10.12 46.98
CA ALA D 198 -16.68 -10.35 45.72
C ALA D 198 -15.30 -9.68 45.71
N TYR D 199 -14.37 -10.32 45.02
CA TYR D 199 -13.09 -9.73 44.66
C TYR D 199 -12.98 -9.72 43.14
N LEU D 200 -12.80 -8.53 42.58
CA LEU D 200 -12.59 -8.38 41.15
C LEU D 200 -11.20 -7.78 40.93
N GLU D 201 -10.33 -8.46 40.18
CA GLU D 201 -9.01 -7.90 39.91
C GLU D 201 -8.89 -7.53 38.42
N LEU D 202 -8.51 -6.29 38.13
CA LEU D 202 -8.46 -5.80 36.75
C LEU D 202 -7.11 -6.12 36.12
N ARG D 203 -7.14 -6.96 35.07
CA ARG D 203 -5.92 -7.36 34.40
C ARG D 203 -5.17 -6.15 33.85
N GLY D 204 -3.87 -6.06 34.12
CA GLY D 204 -3.03 -5.06 33.47
C GLY D 204 -3.06 -3.69 34.16
N ALA D 205 -3.87 -3.52 35.20
CA ALA D 205 -4.23 -2.19 35.67
C ALA D 205 -3.21 -1.66 36.67
N ASP D 206 -2.95 -0.34 36.59
CA ASP D 206 -2.18 0.34 37.62
C ASP D 206 -3.11 0.84 38.72
N HIS D 207 -2.51 1.33 39.82
CA HIS D 207 -3.24 1.89 40.94
C HIS D 207 -4.29 2.94 40.55
N PHE D 208 -4.10 3.61 39.40
CA PHE D 208 -4.87 4.81 39.10
C PHE D 208 -5.98 4.50 38.11
N ALA D 209 -6.15 3.22 37.75
CA ALA D 209 -7.16 2.88 36.75
C ALA D 209 -8.55 3.27 37.22
N PRO D 210 -8.92 3.09 38.52
CA PRO D 210 -10.25 3.53 38.99
C PRO D 210 -10.49 5.04 38.97
N ASN D 211 -9.49 5.84 38.62
CA ASN D 211 -9.66 7.29 38.52
C ASN D 211 -9.98 7.77 37.10
N ARG D 212 -10.11 6.86 36.13
CA ARG D 212 -10.51 7.26 34.78
C ARG D 212 -11.54 6.27 34.23
N PRO D 213 -12.43 6.70 33.32
CA PRO D 213 -13.59 5.89 32.96
C PRO D 213 -13.15 4.46 32.68
N ASN D 214 -13.90 3.50 33.21
CA ASN D 214 -13.55 2.10 33.17
C ASN D 214 -14.86 1.30 33.21
N THR D 215 -15.13 0.58 32.11
CA THR D 215 -16.42 -0.07 31.86
C THR D 215 -16.56 -1.30 32.77
N THR D 216 -15.45 -1.98 33.03
CA THR D 216 -15.50 -3.16 33.88
C THR D 216 -15.85 -2.73 35.31
N ILE D 217 -15.23 -1.65 35.82
CA ILE D 217 -15.61 -1.14 37.12
C ILE D 217 -17.08 -0.72 37.12
N ALA D 218 -17.49 0.11 36.15
CA ALA D 218 -18.87 0.57 36.06
C ALA D 218 -19.87 -0.59 36.12
N LYS D 219 -19.64 -1.64 35.34
CA LYS D 219 -20.66 -2.67 35.22
C LYS D 219 -20.84 -3.35 36.58
N TYR D 220 -19.74 -3.66 37.27
CA TYR D 220 -19.84 -4.47 38.48
C TYR D 220 -20.33 -3.59 39.62
N VAL D 221 -19.93 -2.32 39.62
CA VAL D 221 -20.34 -1.38 40.67
C VAL D 221 -21.85 -1.14 40.58
N ILE D 222 -22.36 -0.85 39.39
CA ILE D 222 -23.78 -0.66 39.20
C ILE D 222 -24.55 -1.91 39.63
N ALA D 223 -24.04 -3.11 39.32
CA ALA D 223 -24.78 -4.33 39.64
C ALA D 223 -24.85 -4.57 41.15
N TRP D 224 -23.71 -4.36 41.84
CA TRP D 224 -23.64 -4.55 43.28
C TRP D 224 -24.55 -3.55 43.99
N LEU D 225 -24.42 -2.28 43.61
CA LEU D 225 -25.28 -1.23 44.15
C LEU D 225 -26.75 -1.62 43.93
N LYS D 226 -27.11 -2.04 42.70
CA LYS D 226 -28.48 -2.39 42.39
C LYS D 226 -28.89 -3.58 43.26
N ARG D 227 -28.01 -4.58 43.35
CA ARG D 227 -28.36 -5.83 44.00
C ARG D 227 -28.65 -5.61 45.48
N PHE D 228 -27.89 -4.76 46.18
CA PHE D 228 -28.03 -4.64 47.64
C PHE D 228 -28.66 -3.30 48.09
N VAL D 229 -28.41 -2.21 47.37
CA VAL D 229 -29.00 -0.94 47.75
C VAL D 229 -30.48 -0.96 47.34
N ASP D 230 -30.75 -1.24 46.06
CA ASP D 230 -32.11 -1.37 45.55
C ASP D 230 -32.67 -2.78 45.81
N GLU D 231 -31.91 -3.73 46.36
CA GLU D 231 -32.42 -5.08 46.66
C GLU D 231 -32.92 -5.82 45.40
N ASP D 232 -32.36 -5.48 44.24
CA ASP D 232 -32.99 -5.64 42.92
C ASP D 232 -32.44 -6.86 42.17
N GLU D 233 -33.23 -7.95 42.15
CA GLU D 233 -32.81 -9.28 41.68
C GLU D 233 -32.54 -9.31 40.16
N ARG D 234 -33.09 -8.34 39.43
CA ARG D 234 -32.84 -8.26 38.01
C ARG D 234 -31.34 -8.12 37.69
N TYR D 235 -30.49 -7.70 38.65
CA TYR D 235 -29.08 -7.47 38.37
C TYR D 235 -28.19 -8.60 38.88
N GLU D 236 -28.77 -9.60 39.55
CA GLU D 236 -28.02 -10.77 39.98
C GLU D 236 -27.40 -11.45 38.75
N GLN D 237 -28.04 -11.31 37.57
CA GLN D 237 -27.58 -11.99 36.37
C GLN D 237 -26.16 -11.58 35.97
N PHE D 238 -25.73 -10.37 36.34
CA PHE D 238 -24.42 -9.86 35.95
C PHE D 238 -23.31 -10.26 36.93
N LEU D 239 -23.73 -10.76 38.10
CA LEU D 239 -22.83 -11.05 39.20
C LEU D 239 -22.57 -12.55 39.26
N CYS D 240 -23.59 -13.34 38.88
CA CYS D 240 -23.51 -14.80 38.83
C CYS D 240 -24.16 -15.30 37.54
N PRO D 241 -23.44 -16.10 36.71
CA PRO D 241 -22.11 -16.61 37.07
C PRO D 241 -20.97 -15.58 36.99
N PRO D 242 -19.79 -15.91 37.57
CA PRO D 242 -18.66 -14.98 37.54
C PRO D 242 -18.13 -14.87 36.12
N PRO D 243 -17.43 -13.78 35.78
CA PRO D 243 -16.83 -13.64 34.45
C PRO D 243 -15.62 -14.53 34.21
N ASP D 244 -15.34 -14.79 32.93
CA ASP D 244 -14.13 -15.51 32.58
C ASP D 244 -12.94 -14.60 32.92
N THR D 245 -11.84 -15.21 33.43
CA THR D 245 -10.63 -14.48 33.84
C THR D 245 -9.41 -14.97 33.07
N GLY D 246 -9.56 -15.18 31.75
CA GLY D 246 -8.50 -15.67 30.89
C GLY D 246 -7.40 -14.64 30.66
N LEU D 247 -6.36 -15.06 29.93
CA LEU D 247 -5.23 -14.20 29.58
C LEU D 247 -5.70 -13.00 28.75
N PHE D 248 -6.85 -13.05 28.06
CA PHE D 248 -7.23 -11.91 27.23
C PHE D 248 -8.56 -11.31 27.65
N SER D 249 -8.97 -11.49 28.91
CA SER D 249 -10.10 -10.77 29.45
C SER D 249 -9.65 -9.52 30.23
N ASP D 250 -10.62 -8.71 30.67
CA ASP D 250 -10.31 -7.54 31.47
C ASP D 250 -9.95 -7.95 32.90
N PHE D 251 -10.08 -9.24 33.25
CA PHE D 251 -9.88 -9.73 34.62
C PHE D 251 -8.65 -10.63 34.73
N SER D 252 -7.93 -10.49 35.85
CA SER D 252 -6.84 -11.39 36.18
C SER D 252 -7.23 -12.32 37.34
N ASP D 253 -8.32 -12.00 38.05
CA ASP D 253 -8.87 -12.83 39.11
C ASP D 253 -10.30 -12.35 39.40
N TYR D 254 -11.12 -13.27 39.89
CA TYR D 254 -12.47 -12.97 40.32
C TYR D 254 -12.84 -14.05 41.33
N ARG D 255 -13.30 -13.60 42.52
CA ARG D 255 -13.78 -14.46 43.59
C ARG D 255 -15.16 -13.96 44.02
N ASP D 256 -16.06 -14.89 44.31
CA ASP D 256 -17.48 -14.57 44.46
C ASP D 256 -18.01 -15.40 45.61
N SER D 257 -19.22 -15.10 46.10
CA SER D 257 -19.88 -16.01 47.02
C SER D 257 -21.22 -16.44 46.42
N CYS D 258 -21.18 -16.87 45.15
CA CYS D 258 -22.38 -17.16 44.36
C CYS D 258 -23.05 -18.45 44.84
N PRO D 259 -24.41 -18.47 44.95
CA PRO D 259 -25.20 -19.68 45.30
C PRO D 259 -24.86 -21.11 44.84
#